data_8BEZ
#
_entry.id   8BEZ
#
_cell.length_a   80.120
_cell.length_b   83.220
_cell.length_c   156.490
_cell.angle_alpha   90.000
_cell.angle_beta   90.000
_cell.angle_gamma   90.000
#
_symmetry.space_group_name_H-M   'P 21 21 21'
#
loop_
_entity.id
_entity.type
_entity.pdbx_description
1 polymer 'Cry49Aa protein'
2 water water
#
_entity_poly.entity_id   1
_entity_poly.type   'polypeptide(L)'
_entity_poly.pdbx_seq_one_letter_code
;NLNLPEQSTRFQTIASIHSNNCSFEILNNDPGYIYGDSVDGECRIAVAHRELGNGLERTGDDRFLFIFYALDNNNFIIAN
RHDGFVLQFLIANGQGVIVSREYQPNIHQEFTIQSINSDTFRLHSRDTNTFATVCWAQFNSWTKIVSRVDNPGAPNANLK
HRSLLTDINMPQLPSLTPLQPLPRLTELEDGGLSPAQAPRAIIGRTLIPCLFVNDPVLRLENRIKQSPYYVLEHRQYWHR
IWTDIFTAGERREYREVTGINNNAQNDMNKMINITIGADGPNRLRFGNLSTPFRQQIIDNSNTLGSFANTNYGTRTDIVN
VFNSEFHQVRYARFVKAYEYRLTRADGSQVGTPWVVLDRKEMDLRTYPHNMAITLENVKIDNADNSYDLSIWKTPLKLKD
GKIIIENHENSKPYYN
;
_entity_poly.pdbx_strand_id   A,B
#
# COMPACT_ATOMS: atom_id res chain seq x y z
N ASN A 1 -4.82 5.36 -13.19
CA ASN A 1 -3.67 4.70 -12.48
C ASN A 1 -4.23 3.80 -11.37
N LEU A 2 -5.00 2.78 -11.77
CA LEU A 2 -5.69 1.82 -10.86
C LEU A 2 -4.86 0.54 -10.79
N ASN A 3 -4.26 0.25 -9.64
CA ASN A 3 -3.26 -0.83 -9.51
C ASN A 3 -3.91 -2.05 -8.84
N LEU A 4 -4.95 -2.61 -9.45
CA LEU A 4 -5.67 -3.77 -8.87
C LEU A 4 -5.58 -4.96 -9.82
N PRO A 5 -5.59 -6.18 -9.24
CA PRO A 5 -5.68 -7.38 -10.06
C PRO A 5 -6.99 -7.38 -10.86
N GLU A 6 -7.00 -8.06 -12.00
CA GLU A 6 -8.20 -8.07 -12.88
C GLU A 6 -9.38 -8.72 -12.17
N GLN A 7 -9.15 -9.64 -11.22
CA GLN A 7 -10.25 -10.32 -10.47
C GLN A 7 -10.99 -9.32 -9.57
N SER A 8 -10.37 -8.16 -9.27
CA SER A 8 -10.92 -7.14 -8.32
C SER A 8 -11.75 -6.08 -9.06
N THR A 9 -11.72 -6.03 -10.39
CA THR A 9 -12.40 -4.95 -11.18
C THR A 9 -13.46 -5.55 -12.10
N ARG A 10 -13.93 -6.76 -11.78
CA ARG A 10 -14.96 -7.49 -12.56
C ARG A 10 -15.65 -8.50 -11.65
N PHE A 11 -16.77 -9.04 -12.12
CA PHE A 11 -17.34 -10.28 -11.55
C PHE A 11 -16.99 -11.44 -12.47
N GLN A 12 -16.89 -12.63 -11.88
CA GLN A 12 -16.50 -13.86 -12.60
C GLN A 12 -17.19 -15.06 -11.93
N THR A 13 -17.43 -16.10 -12.72
CA THR A 13 -17.88 -17.40 -12.19
C THR A 13 -16.64 -18.23 -11.89
N ILE A 14 -16.84 -19.27 -11.09
CA ILE A 14 -15.77 -20.22 -10.64
C ILE A 14 -16.27 -21.63 -10.95
N ALA A 15 -15.44 -22.42 -11.63
CA ALA A 15 -15.79 -23.78 -12.12
C ALA A 15 -14.58 -24.70 -12.02
N SER A 16 -14.83 -25.98 -11.71
CA SER A 16 -13.84 -27.06 -11.99
C SER A 16 -13.54 -27.07 -13.49
N ILE A 17 -12.25 -27.24 -13.86
CA ILE A 17 -11.85 -27.42 -15.27
C ILE A 17 -12.39 -28.76 -15.79
N HIS A 18 -12.80 -29.66 -14.88
CA HIS A 18 -13.29 -31.03 -15.24
C HIS A 18 -14.81 -31.05 -15.37
N SER A 19 -15.49 -29.92 -15.15
CA SER A 19 -16.98 -29.79 -15.29
C SER A 19 -17.33 -29.24 -16.68
N ASN A 20 -18.27 -29.88 -17.38
CA ASN A 20 -18.75 -29.44 -18.71
C ASN A 20 -19.42 -28.07 -18.58
N ASN A 21 -20.32 -27.90 -17.60
CA ASN A 21 -21.33 -26.80 -17.59
C ASN A 21 -21.61 -26.26 -16.19
N CYS A 22 -21.03 -26.84 -15.14
CA CYS A 22 -21.36 -26.45 -13.74
C CYS A 22 -20.35 -25.43 -13.21
N SER A 23 -20.86 -24.53 -12.37
CA SER A 23 -20.09 -23.49 -11.65
C SER A 23 -20.57 -23.41 -10.22
N PHE A 24 -19.78 -22.78 -9.34
CA PHE A 24 -20.10 -22.56 -7.92
C PHE A 24 -21.32 -21.64 -7.84
N GLU A 25 -22.32 -22.05 -7.04
CA GLU A 25 -23.64 -21.40 -6.95
C GLU A 25 -23.94 -21.11 -5.48
N ILE A 26 -24.29 -19.85 -5.18
CA ILE A 26 -24.76 -19.42 -3.83
C ILE A 26 -26.15 -20.03 -3.57
N LEU A 27 -26.28 -20.78 -2.47
CA LEU A 27 -27.57 -21.37 -2.00
C LEU A 27 -27.99 -20.71 -0.68
N ASN A 28 -29.30 -20.70 -0.45
CA ASN A 28 -29.93 -20.34 0.84
C ASN A 28 -30.49 -21.60 1.50
N ASN A 29 -29.71 -22.68 1.52
CA ASN A 29 -30.19 -24.00 2.00
C ASN A 29 -29.89 -24.13 3.50
N ASP A 30 -30.47 -25.16 4.12
CA ASP A 30 -30.34 -25.44 5.56
C ASP A 30 -29.77 -26.84 5.72
N PRO A 31 -29.22 -27.19 6.91
CA PRO A 31 -28.84 -28.57 7.20
C PRO A 31 -30.01 -29.54 6.94
N GLY A 32 -29.73 -30.66 6.28
CA GLY A 32 -30.71 -31.70 5.93
C GLY A 32 -31.19 -31.59 4.48
N TYR A 33 -30.85 -30.51 3.78
CA TYR A 33 -31.17 -30.29 2.34
C TYR A 33 -30.52 -31.41 1.51
N ILE A 34 -31.26 -32.02 0.58
CA ILE A 34 -30.78 -33.17 -0.25
C ILE A 34 -30.30 -32.69 -1.63
N TYR A 35 -29.05 -33.03 -1.97
CA TYR A 35 -28.48 -32.86 -3.33
C TYR A 35 -28.85 -34.12 -4.14
N GLY A 36 -29.95 -34.03 -4.90
CA GLY A 36 -30.63 -35.14 -5.59
C GLY A 36 -29.71 -35.99 -6.46
N ASP A 37 -28.82 -35.37 -7.24
CA ASP A 37 -27.92 -36.09 -8.20
C ASP A 37 -26.77 -36.82 -7.48
N SER A 38 -26.46 -36.48 -6.22
CA SER A 38 -25.25 -37.00 -5.53
C SER A 38 -25.41 -38.48 -5.19
N VAL A 39 -24.31 -39.23 -5.28
CA VAL A 39 -24.17 -40.59 -4.66
C VAL A 39 -24.35 -40.43 -3.15
N ASP A 40 -24.77 -41.50 -2.47
CA ASP A 40 -25.10 -41.49 -1.03
C ASP A 40 -23.81 -41.25 -0.22
N GLY A 41 -23.97 -40.63 0.97
CA GLY A 41 -22.86 -40.27 1.88
C GLY A 41 -22.79 -38.77 2.09
N GLU A 42 -21.62 -38.30 2.51
CA GLU A 42 -21.40 -36.90 3.00
C GLU A 42 -21.68 -35.86 1.90
N CYS A 43 -21.75 -36.26 0.62
CA CYS A 43 -21.94 -35.32 -0.53
C CYS A 43 -23.42 -35.07 -0.84
N ARG A 44 -24.32 -35.85 -0.24
CA ARG A 44 -25.76 -35.89 -0.59
C ARG A 44 -26.57 -34.96 0.32
N ILE A 45 -26.12 -34.72 1.56
CA ILE A 45 -26.88 -33.98 2.59
C ILE A 45 -26.07 -32.74 3.00
N ALA A 46 -26.73 -31.57 3.07
CA ALA A 46 -26.14 -30.33 3.61
C ALA A 46 -25.95 -30.48 5.13
N VAL A 47 -24.79 -30.04 5.62
CA VAL A 47 -24.42 -30.11 7.07
C VAL A 47 -24.40 -28.69 7.67
N ALA A 48 -24.47 -27.65 6.82
CA ALA A 48 -24.41 -26.23 7.25
C ALA A 48 -25.43 -25.40 6.47
N HIS A 49 -25.83 -24.28 7.08
CA HIS A 49 -26.61 -23.19 6.42
CA HIS A 49 -26.61 -23.19 6.42
C HIS A 49 -25.73 -22.56 5.33
N ARG A 50 -26.32 -22.33 4.15
CA ARG A 50 -25.70 -21.61 3.00
C ARG A 50 -24.40 -22.30 2.55
N GLU A 51 -24.49 -23.60 2.25
CA GLU A 51 -23.47 -24.31 1.44
C GLU A 51 -23.47 -23.72 0.02
N LEU A 52 -22.45 -24.07 -0.77
CA LEU A 52 -22.39 -23.74 -2.22
C LEU A 52 -22.67 -24.99 -3.05
N GLY A 53 -23.39 -24.80 -4.16
CA GLY A 53 -23.75 -25.87 -5.12
C GLY A 53 -22.81 -25.91 -6.31
N ASN A 54 -22.73 -27.07 -6.93
CA ASN A 54 -22.14 -27.26 -8.27
C ASN A 54 -23.30 -27.22 -9.27
N GLY A 55 -23.71 -26.01 -9.66
CA GLY A 55 -24.94 -25.80 -10.45
C GLY A 55 -24.65 -25.52 -11.92
N LEU A 56 -25.51 -26.01 -12.80
CA LEU A 56 -25.52 -25.61 -14.24
C LEU A 56 -25.54 -24.09 -14.29
N GLU A 57 -24.50 -23.49 -14.88
CA GLU A 57 -24.33 -22.02 -14.89
C GLU A 57 -25.48 -21.40 -15.70
N ARG A 58 -26.18 -20.45 -15.08
CA ARG A 58 -27.26 -19.66 -15.74
C ARG A 58 -26.65 -18.29 -16.06
N THR A 59 -26.58 -17.93 -17.34
CA THR A 59 -25.94 -16.66 -17.77
C THR A 59 -26.77 -15.50 -17.21
N GLY A 60 -26.10 -14.50 -16.63
CA GLY A 60 -26.75 -13.30 -16.06
C GLY A 60 -27.20 -13.50 -14.62
N ASP A 61 -27.03 -14.68 -14.03
CA ASP A 61 -27.57 -14.97 -12.68
C ASP A 61 -26.48 -14.62 -11.63
N ASP A 62 -26.81 -13.69 -10.73
CA ASP A 62 -25.90 -13.10 -9.71
C ASP A 62 -25.44 -14.17 -8.70
N ARG A 63 -26.15 -15.29 -8.60
CA ARG A 63 -25.82 -16.38 -7.65
C ARG A 63 -24.51 -17.09 -8.06
N PHE A 64 -24.04 -16.89 -9.29
CA PHE A 64 -22.76 -17.49 -9.76
C PHE A 64 -21.62 -16.45 -9.85
N LEU A 65 -21.92 -15.16 -9.60
CA LEU A 65 -20.96 -14.07 -9.90
C LEU A 65 -20.26 -13.60 -8.61
N PHE A 66 -18.93 -13.58 -8.67
CA PHE A 66 -18.06 -13.22 -7.53
C PHE A 66 -17.09 -12.10 -7.95
N ILE A 67 -16.86 -11.18 -7.01
CA ILE A 67 -15.77 -10.17 -7.07
C ILE A 67 -14.75 -10.54 -6.00
N PHE A 68 -13.46 -10.43 -6.35
CA PHE A 68 -12.33 -10.69 -5.42
C PHE A 68 -11.80 -9.36 -4.90
N TYR A 69 -12.08 -9.06 -3.62
CA TYR A 69 -11.53 -7.84 -2.97
C TYR A 69 -10.13 -8.14 -2.47
N ALA A 70 -9.15 -7.33 -2.93
CA ALA A 70 -7.71 -7.54 -2.69
C ALA A 70 -7.33 -6.96 -1.31
N LEU A 71 -6.83 -7.84 -0.44
CA LEU A 71 -6.29 -7.47 0.89
C LEU A 71 -4.84 -7.03 0.73
N ASP A 72 -4.33 -6.23 1.67
CA ASP A 72 -2.90 -5.82 1.73
C ASP A 72 -1.97 -7.05 1.72
N ASN A 73 -2.40 -8.20 2.24
CA ASN A 73 -1.52 -9.40 2.37
C ASN A 73 -1.61 -10.29 1.12
N ASN A 74 -2.26 -9.82 0.07
CA ASN A 74 -2.29 -10.53 -1.25
C ASN A 74 -3.31 -11.67 -1.26
N ASN A 75 -4.06 -11.84 -0.18
CA ASN A 75 -5.25 -12.73 -0.18
C ASN A 75 -6.49 -11.94 -0.60
N PHE A 76 -7.61 -12.63 -0.72
CA PHE A 76 -8.88 -12.05 -1.22
C PHE A 76 -10.04 -12.41 -0.30
N ILE A 77 -10.96 -11.46 -0.21
CA ILE A 77 -12.36 -11.66 0.25
C ILE A 77 -13.21 -11.81 -1.00
N ILE A 78 -13.98 -12.89 -1.10
CA ILE A 78 -14.73 -13.23 -2.34
C ILE A 78 -16.23 -13.08 -2.05
N ALA A 79 -16.82 -12.04 -2.64
CA ALA A 79 -18.23 -11.63 -2.41
C ALA A 79 -19.07 -11.95 -3.64
N ASN A 80 -20.32 -12.37 -3.40
CA ASN A 80 -21.25 -12.72 -4.51
C ASN A 80 -22.16 -11.53 -4.80
N ARG A 81 -22.63 -11.45 -6.05
CA ARG A 81 -23.41 -10.31 -6.57
C ARG A 81 -24.87 -10.42 -6.15
N HIS A 82 -25.32 -11.59 -5.71
CA HIS A 82 -26.74 -11.81 -5.35
C HIS A 82 -27.05 -11.09 -4.03
N ASP A 83 -26.24 -11.35 -2.98
CA ASP A 83 -26.55 -10.78 -1.65
C ASP A 83 -25.33 -10.15 -0.96
N GLY A 84 -24.14 -10.17 -1.57
CA GLY A 84 -22.93 -9.52 -1.02
C GLY A 84 -22.30 -10.27 0.13
N PHE A 85 -22.81 -11.46 0.48
CA PHE A 85 -22.14 -12.36 1.45
C PHE A 85 -20.84 -12.88 0.83
N VAL A 86 -19.92 -13.31 1.69
CA VAL A 86 -18.56 -13.71 1.24
C VAL A 86 -18.37 -15.20 1.50
N LEU A 87 -17.46 -15.80 0.74
CA LEU A 87 -17.07 -17.21 0.92
C LEU A 87 -16.31 -17.37 2.22
N GLN A 88 -16.48 -18.54 2.83
CA GLN A 88 -15.85 -18.86 4.12
C GLN A 88 -15.65 -20.37 4.19
N PHE A 89 -14.47 -20.78 4.66
CA PHE A 89 -14.19 -22.17 5.05
C PHE A 89 -14.91 -22.46 6.37
N LEU A 90 -15.50 -23.65 6.49
CA LEU A 90 -16.20 -24.09 7.72
C LEU A 90 -16.10 -25.61 7.85
N ILE A 91 -15.88 -26.09 9.08
CA ILE A 91 -16.01 -27.52 9.46
C ILE A 91 -17.37 -27.69 10.16
N ALA A 92 -18.21 -28.57 9.61
CA ALA A 92 -19.47 -29.03 10.25
C ALA A 92 -19.57 -30.54 10.06
N ASN A 93 -19.74 -31.29 11.15
CA ASN A 93 -19.78 -32.78 11.15
C ASN A 93 -18.47 -33.35 10.61
N GLY A 94 -17.34 -32.74 10.95
CA GLY A 94 -16.00 -33.18 10.53
C GLY A 94 -15.80 -33.08 9.03
N GLN A 95 -16.64 -32.31 8.33
CA GLN A 95 -16.52 -32.09 6.86
C GLN A 95 -16.12 -30.63 6.60
N GLY A 96 -15.03 -30.43 5.85
CA GLY A 96 -14.60 -29.09 5.36
C GLY A 96 -15.44 -28.65 4.17
N VAL A 97 -16.24 -27.59 4.34
CA VAL A 97 -17.13 -27.06 3.28
C VAL A 97 -16.83 -25.58 3.05
N ILE A 98 -17.26 -25.09 1.89
CA ILE A 98 -17.33 -23.63 1.61
C ILE A 98 -18.78 -23.19 1.83
N VAL A 99 -18.97 -22.18 2.68
CA VAL A 99 -20.30 -21.54 2.90
C VAL A 99 -20.19 -20.06 2.50
N SER A 100 -21.33 -19.39 2.47
CA SER A 100 -21.40 -17.91 2.37
C SER A 100 -21.89 -17.35 3.70
N ARG A 101 -21.16 -16.32 4.17
CA ARG A 101 -21.42 -15.63 5.46
C ARG A 101 -21.20 -14.13 5.28
N GLU A 102 -21.81 -13.33 6.15
CA GLU A 102 -21.53 -11.87 6.18
C GLU A 102 -20.03 -11.64 6.43
N TYR A 103 -19.43 -10.70 5.70
CA TYR A 103 -18.06 -10.19 5.98
C TYR A 103 -17.89 -9.93 7.47
N GLN A 104 -16.87 -10.53 8.09
CA GLN A 104 -16.67 -10.39 9.55
C GLN A 104 -15.64 -9.29 9.86
N PRO A 105 -14.35 -9.37 9.44
CA PRO A 105 -13.75 -10.52 8.77
C PRO A 105 -13.10 -11.51 9.74
N ASN A 106 -12.76 -12.68 9.20
CA ASN A 106 -11.97 -13.70 9.93
C ASN A 106 -11.04 -14.38 8.93
N ILE A 107 -10.05 -15.11 9.43
CA ILE A 107 -8.98 -15.71 8.57
C ILE A 107 -9.59 -16.76 7.63
N HIS A 108 -10.74 -17.35 7.98
CA HIS A 108 -11.45 -18.37 7.14
C HIS A 108 -12.18 -17.74 5.94
N GLN A 109 -12.32 -16.40 5.92
CA GLN A 109 -12.86 -15.64 4.75
C GLN A 109 -11.74 -15.21 3.80
N GLU A 110 -10.48 -15.47 4.16
CA GLU A 110 -9.32 -15.09 3.30
C GLU A 110 -8.95 -16.27 2.41
N PHE A 111 -8.97 -16.04 1.09
CA PHE A 111 -8.57 -17.04 0.08
C PHE A 111 -7.31 -16.57 -0.65
N THR A 112 -6.43 -17.53 -0.91
CA THR A 112 -5.20 -17.36 -1.71
C THR A 112 -5.45 -17.92 -3.10
N ILE A 113 -5.18 -17.14 -4.15
CA ILE A 113 -5.15 -17.68 -5.54
C ILE A 113 -3.77 -18.31 -5.77
N GLN A 114 -3.76 -19.57 -6.19
CA GLN A 114 -2.53 -20.27 -6.58
C GLN A 114 -2.68 -20.59 -8.07
N SER A 115 -2.03 -19.80 -8.93
CA SER A 115 -2.03 -19.98 -10.40
C SER A 115 -1.10 -21.13 -10.78
N ILE A 116 -1.66 -22.14 -11.44
CA ILE A 116 -0.95 -23.34 -11.99
C ILE A 116 -0.41 -22.99 -13.38
N ASN A 117 -1.23 -22.28 -14.17
CA ASN A 117 -0.87 -21.78 -15.52
C ASN A 117 -1.79 -20.61 -15.86
N SER A 118 -1.70 -20.12 -17.09
CA SER A 118 -2.36 -18.87 -17.58
C SER A 118 -3.84 -18.81 -17.24
N ASP A 119 -4.59 -19.91 -17.37
CA ASP A 119 -6.08 -19.89 -17.23
C ASP A 119 -6.57 -20.85 -16.12
N THR A 120 -5.66 -21.47 -15.34
CA THR A 120 -5.98 -22.48 -14.30
C THR A 120 -5.44 -22.05 -12.94
N PHE A 121 -6.27 -22.14 -11.91
CA PHE A 121 -5.91 -21.72 -10.54
C PHE A 121 -6.58 -22.62 -9.51
N ARG A 122 -6.07 -22.53 -8.27
CA ARG A 122 -6.66 -23.19 -7.08
C ARG A 122 -7.03 -22.12 -6.06
N LEU A 123 -8.10 -22.37 -5.31
CA LEU A 123 -8.57 -21.48 -4.21
C LEU A 123 -8.14 -22.11 -2.88
N HIS A 124 -7.12 -21.53 -2.27
CA HIS A 124 -6.44 -22.04 -1.07
C HIS A 124 -6.91 -21.29 0.17
N SER A 125 -7.32 -22.05 1.19
CA SER A 125 -7.55 -21.57 2.58
C SER A 125 -6.29 -21.90 3.38
N ARG A 126 -5.45 -20.90 3.65
CA ARG A 126 -4.05 -21.14 4.12
C ARG A 126 -4.07 -21.60 5.58
N ASP A 127 -5.06 -21.18 6.38
CA ASP A 127 -5.09 -21.54 7.82
C ASP A 127 -5.27 -23.07 7.99
N THR A 128 -6.06 -23.69 7.13
CA THR A 128 -6.41 -25.15 7.18
C THR A 128 -5.64 -25.94 6.12
N ASN A 129 -4.98 -25.26 5.18
CA ASN A 129 -4.20 -25.86 4.06
C ASN A 129 -5.14 -26.71 3.19
N THR A 130 -6.31 -26.16 2.86
CA THR A 130 -7.37 -26.83 2.07
C THR A 130 -7.60 -26.09 0.75
N PHE A 131 -8.12 -26.82 -0.24
CA PHE A 131 -8.44 -26.33 -1.61
C PHE A 131 -9.89 -26.65 -1.96
N ALA A 132 -10.57 -25.66 -2.55
CA ALA A 132 -12.01 -25.73 -2.89
C ALA A 132 -12.18 -26.56 -4.17
N THR A 133 -13.16 -27.47 -4.15
CA THR A 133 -13.54 -28.27 -5.35
C THR A 133 -14.89 -28.93 -5.09
N VAL A 134 -15.29 -29.82 -5.99
CA VAL A 134 -16.63 -30.47 -5.97
C VAL A 134 -16.52 -31.77 -5.17
N CYS A 135 -17.52 -32.01 -4.31
CA CYS A 135 -17.59 -33.15 -3.35
C CYS A 135 -17.42 -34.47 -4.12
N TRP A 136 -16.44 -35.28 -3.72
CA TRP A 136 -16.13 -36.64 -4.28
C TRP A 136 -15.91 -36.59 -5.80
N ALA A 137 -15.45 -35.45 -6.34
CA ALA A 137 -15.11 -35.26 -7.77
C ALA A 137 -16.33 -35.50 -8.67
N GLN A 138 -17.54 -35.19 -8.21
CA GLN A 138 -18.80 -35.36 -9.00
C GLN A 138 -19.00 -34.09 -9.83
N PHE A 139 -18.12 -33.87 -10.80
CA PHE A 139 -17.88 -32.56 -11.46
C PHE A 139 -19.08 -32.14 -12.31
N ASN A 140 -19.89 -33.10 -12.75
CA ASN A 140 -21.06 -32.84 -13.65
C ASN A 140 -22.37 -33.11 -12.90
N SER A 141 -22.33 -33.14 -11.57
CA SER A 141 -23.50 -33.48 -10.72
C SER A 141 -23.81 -32.34 -9.76
N TRP A 142 -25.10 -32.20 -9.46
CA TRP A 142 -25.61 -31.34 -8.37
C TRP A 142 -25.14 -31.92 -7.02
N THR A 143 -24.25 -31.20 -6.34
CA THR A 143 -23.69 -31.53 -5.01
C THR A 143 -22.98 -30.28 -4.48
N LYS A 144 -22.37 -30.40 -3.31
CA LYS A 144 -21.82 -29.24 -2.59
C LYS A 144 -20.36 -28.98 -3.00
N ILE A 145 -19.88 -27.78 -2.67
CA ILE A 145 -18.47 -27.40 -2.77
C ILE A 145 -17.80 -27.70 -1.43
N VAL A 146 -16.69 -28.45 -1.48
CA VAL A 146 -15.90 -28.83 -0.29
C VAL A 146 -14.55 -28.10 -0.36
N SER A 147 -13.80 -28.16 0.74
CA SER A 147 -12.42 -27.66 0.84
C SER A 147 -11.61 -28.73 1.58
N ARG A 148 -10.69 -29.38 0.87
CA ARG A 148 -9.99 -30.60 1.34
C ARG A 148 -8.47 -30.42 1.24
N VAL A 149 -7.73 -31.13 2.08
CA VAL A 149 -6.23 -31.16 2.04
C VAL A 149 -5.81 -32.00 0.83
N ASP A 150 -4.63 -31.72 0.28
CA ASP A 150 -4.04 -32.54 -0.82
C ASP A 150 -3.64 -33.90 -0.24
N ASN A 151 -4.20 -34.98 -0.80
CA ASN A 151 -3.83 -36.40 -0.56
C ASN A 151 -3.91 -37.12 -1.90
N PRO A 152 -3.27 -38.30 -2.06
CA PRO A 152 -3.45 -39.13 -3.25
C PRO A 152 -4.91 -39.26 -3.74
N GLY A 153 -5.85 -39.56 -2.85
CA GLY A 153 -7.26 -39.83 -3.23
C GLY A 153 -8.06 -38.58 -3.59
N ALA A 154 -7.54 -37.37 -3.32
CA ALA A 154 -8.36 -36.15 -3.18
C ALA A 154 -8.88 -35.71 -4.54
N PRO A 155 -10.13 -35.22 -4.63
CA PRO A 155 -10.66 -34.66 -5.87
C PRO A 155 -9.80 -33.51 -6.40
N ASN A 156 -9.46 -33.57 -7.68
CA ASN A 156 -8.72 -32.49 -8.40
C ASN A 156 -9.34 -31.13 -8.06
N ALA A 157 -8.50 -30.15 -7.70
CA ALA A 157 -8.93 -28.81 -7.22
C ALA A 157 -8.55 -27.72 -8.22
N ASN A 158 -8.29 -28.06 -9.47
CA ASN A 158 -7.96 -27.10 -10.55
C ASN A 158 -9.27 -26.44 -11.02
N LEU A 159 -9.30 -25.11 -10.97
CA LEU A 159 -10.47 -24.28 -11.30
C LEU A 159 -10.16 -23.35 -12.47
N LYS A 160 -11.23 -22.77 -13.04
CA LYS A 160 -11.16 -21.71 -14.06
C LYS A 160 -12.33 -20.75 -13.86
N HIS A 161 -12.28 -19.61 -14.54
CA HIS A 161 -13.41 -18.67 -14.68
C HIS A 161 -14.17 -19.05 -15.96
N ARG A 162 -15.44 -19.46 -15.83
CA ARG A 162 -16.25 -19.89 -16.99
C ARG A 162 -16.75 -18.64 -17.74
N SER A 163 -17.28 -17.65 -17.00
CA SER A 163 -17.89 -16.41 -17.56
CA SER A 163 -17.86 -16.41 -17.58
C SER A 163 -17.46 -15.18 -16.78
N LEU A 164 -17.44 -14.02 -17.44
CA LEU A 164 -17.07 -12.72 -16.84
C LEU A 164 -18.23 -11.74 -16.95
N LEU A 165 -18.35 -10.81 -16.00
CA LEU A 165 -19.15 -9.57 -16.13
C LEU A 165 -18.20 -8.41 -15.93
N THR A 166 -17.95 -7.63 -16.98
CA THR A 166 -16.95 -6.53 -16.99
C THR A 166 -17.64 -5.16 -16.80
N ASP A 167 -18.96 -5.09 -17.02
CA ASP A 167 -19.78 -3.85 -16.85
C ASP A 167 -20.35 -3.85 -15.42
N ILE A 168 -19.62 -3.33 -14.43
CA ILE A 168 -19.97 -3.61 -12.99
C ILE A 168 -20.23 -2.33 -12.17
N ASN A 169 -20.26 -1.16 -12.82
CA ASN A 169 -20.44 0.17 -12.15
C ASN A 169 -19.20 0.49 -11.30
N MET A 170 -18.01 0.38 -11.89
CA MET A 170 -16.78 0.92 -11.26
C MET A 170 -16.92 2.43 -11.21
N PRO A 171 -16.43 3.11 -10.15
CA PRO A 171 -16.49 4.57 -10.11
C PRO A 171 -15.49 5.18 -11.10
N GLN A 172 -15.74 6.42 -11.50
CA GLN A 172 -14.75 7.28 -12.21
C GLN A 172 -14.03 8.10 -11.16
N LEU A 173 -12.73 7.86 -10.93
CA LEU A 173 -11.96 8.60 -9.89
C LEU A 173 -11.70 10.03 -10.34
N PRO A 174 -11.90 11.05 -9.46
CA PRO A 174 -11.56 12.43 -9.81
C PRO A 174 -10.04 12.61 -9.94
N SER A 175 -9.63 13.60 -10.71
CA SER A 175 -8.21 14.03 -10.88
C SER A 175 -7.73 14.72 -9.61
N LEU A 176 -6.45 14.52 -9.27
CA LEU A 176 -5.77 15.27 -8.18
C LEU A 176 -5.63 16.72 -8.64
N THR A 177 -5.90 17.67 -7.73
CA THR A 177 -5.71 19.12 -7.97
C THR A 177 -5.00 19.70 -6.75
N PRO A 178 -4.13 20.71 -6.97
CA PRO A 178 -3.38 21.33 -5.88
C PRO A 178 -4.23 22.39 -5.16
N LEU A 179 -3.89 22.65 -3.91
CA LEU A 179 -4.56 23.69 -3.08
C LEU A 179 -3.98 25.06 -3.44
N GLN A 180 -4.80 25.95 -3.99
CA GLN A 180 -4.40 27.33 -4.37
C GLN A 180 -4.55 28.26 -3.17
N PRO A 181 -3.71 29.31 -3.06
CA PRO A 181 -3.95 30.34 -2.05
C PRO A 181 -5.26 31.07 -2.41
N LEU A 182 -5.93 31.61 -1.40
CA LEU A 182 -7.17 32.41 -1.59
C LEU A 182 -6.83 33.68 -2.35
N PRO A 183 -7.79 34.21 -3.13
CA PRO A 183 -7.60 35.49 -3.81
C PRO A 183 -7.46 36.63 -2.79
N ARG A 184 -6.95 37.78 -3.24
CA ARG A 184 -6.87 39.01 -2.43
C ARG A 184 -8.29 39.58 -2.33
N LEU A 185 -8.60 40.33 -1.27
CA LEU A 185 -9.92 40.99 -1.11
C LEU A 185 -9.97 42.20 -2.05
N THR A 186 -11.16 42.59 -2.52
CA THR A 186 -11.33 43.63 -3.57
C THR A 186 -11.85 44.95 -2.99
N GLU A 187 -12.38 44.95 -1.75
CA GLU A 187 -12.91 46.17 -1.08
C GLU A 187 -13.29 45.85 0.37
N LEU A 188 -13.63 46.89 1.13
CA LEU A 188 -13.98 46.82 2.58
C LEU A 188 -15.15 45.82 2.77
N GLU A 189 -16.09 45.78 1.82
CA GLU A 189 -17.34 44.98 1.92
C GLU A 189 -17.06 43.51 1.54
N ASP A 190 -15.84 43.19 1.07
CA ASP A 190 -15.47 41.80 0.66
C ASP A 190 -14.99 41.03 1.91
N GLY A 191 -15.79 40.08 2.36
CA GLY A 191 -15.52 39.21 3.52
C GLY A 191 -14.72 37.98 3.13
N GLY A 192 -14.33 37.87 1.86
CA GLY A 192 -13.57 36.71 1.35
C GLY A 192 -14.50 35.53 1.11
N LEU A 193 -13.94 34.37 0.77
CA LEU A 193 -14.76 33.18 0.42
C LEU A 193 -15.21 32.47 1.70
N SER A 194 -16.52 32.24 1.82
CA SER A 194 -17.11 31.44 2.93
C SER A 194 -16.73 29.98 2.72
N PRO A 195 -16.83 29.12 3.77
CA PRO A 195 -16.54 27.70 3.63
C PRO A 195 -17.31 26.98 2.53
N ALA A 196 -18.56 27.37 2.26
CA ALA A 196 -19.40 26.78 1.19
C ALA A 196 -18.84 27.11 -0.19
N GLN A 197 -18.17 28.26 -0.32
CA GLN A 197 -17.72 28.82 -1.62
C GLN A 197 -16.26 28.46 -1.91
N ALA A 198 -15.48 28.09 -0.88
CA ALA A 198 -14.01 27.91 -1.04
C ALA A 198 -13.77 26.72 -1.97
N PRO A 199 -12.87 26.85 -2.95
CA PRO A 199 -12.54 25.74 -3.83
C PRO A 199 -11.82 24.64 -3.03
N ARG A 200 -12.12 23.39 -3.38
CA ARG A 200 -11.51 22.20 -2.77
C ARG A 200 -10.40 21.74 -3.69
N ALA A 201 -9.25 21.43 -3.08
CA ALA A 201 -8.18 20.61 -3.69
C ALA A 201 -8.51 19.15 -3.45
N ILE A 202 -8.31 18.30 -4.46
CA ILE A 202 -8.38 16.83 -4.29
C ILE A 202 -6.95 16.32 -4.12
N ILE A 203 -6.58 16.03 -2.87
CA ILE A 203 -5.20 15.62 -2.45
C ILE A 203 -5.03 14.12 -2.66
N GLY A 204 -6.11 13.35 -2.47
CA GLY A 204 -6.11 11.90 -2.68
C GLY A 204 -7.50 11.34 -2.80
N ARG A 205 -7.59 10.13 -3.34
CA ARG A 205 -8.88 9.41 -3.38
C ARG A 205 -8.59 7.93 -3.46
N THR A 206 -9.43 7.14 -2.81
CA THR A 206 -9.28 5.67 -2.77
C THR A 206 -10.64 5.02 -2.98
N LEU A 207 -10.60 3.82 -3.55
CA LEU A 207 -11.74 2.88 -3.56
C LEU A 207 -11.90 2.29 -2.17
N ILE A 208 -13.14 2.09 -1.75
CA ILE A 208 -13.53 1.40 -0.50
C ILE A 208 -14.47 0.26 -0.90
N PRO A 209 -14.16 -1.00 -0.52
CA PRO A 209 -15.09 -2.11 -0.76
C PRO A 209 -16.44 -1.81 -0.12
N CYS A 210 -17.53 -2.15 -0.83
CA CYS A 210 -18.91 -1.82 -0.35
C CYS A 210 -19.26 -2.64 0.89
N LEU A 211 -18.49 -3.70 1.18
CA LEU A 211 -18.86 -4.69 2.22
C LEU A 211 -19.03 -4.03 3.59
N PHE A 212 -18.17 -3.06 3.94
CA PHE A 212 -18.23 -2.41 5.28
C PHE A 212 -18.63 -0.93 5.17
N VAL A 213 -19.25 -0.51 4.05
CA VAL A 213 -19.83 0.86 3.94
C VAL A 213 -21.29 0.75 4.35
N ASN A 214 -21.62 1.27 5.55
CA ASN A 214 -22.98 1.26 6.11
C ASN A 214 -23.77 2.43 5.47
N ASP A 215 -24.02 2.31 4.17
CA ASP A 215 -24.80 3.30 3.38
C ASP A 215 -26.18 3.37 4.02
N PRO A 216 -26.66 4.54 4.47
CA PRO A 216 -27.95 4.61 5.14
C PRO A 216 -29.15 4.30 4.23
N VAL A 217 -28.98 4.31 2.90
CA VAL A 217 -30.13 4.06 1.98
C VAL A 217 -29.99 2.71 1.25
N LEU A 218 -28.77 2.29 0.91
CA LEU A 218 -28.55 1.05 0.11
C LEU A 218 -28.12 -0.09 1.03
N ARG A 219 -28.97 -1.11 1.14
CA ARG A 219 -28.60 -2.38 1.81
C ARG A 219 -27.57 -3.09 0.96
N LEU A 220 -26.84 -4.02 1.60
CA LEU A 220 -25.70 -4.76 1.02
C LEU A 220 -26.07 -5.38 -0.35
N GLU A 221 -27.24 -6.03 -0.46
N GLU A 221 -27.24 -6.03 -0.48
CA GLU A 221 -27.66 -6.75 -1.70
CA GLU A 221 -27.62 -6.75 -1.73
C GLU A 221 -27.74 -5.78 -2.89
C GLU A 221 -27.73 -5.78 -2.90
N ASN A 222 -27.96 -4.49 -2.62
CA ASN A 222 -28.08 -3.42 -3.65
C ASN A 222 -26.72 -2.72 -3.83
N ARG A 223 -25.94 -2.51 -2.77
CA ARG A 223 -24.57 -1.93 -2.88
C ARG A 223 -23.69 -2.76 -3.81
N ILE A 224 -23.71 -4.09 -3.65
CA ILE A 224 -22.78 -4.99 -4.40
C ILE A 224 -23.08 -4.89 -5.90
N LYS A 225 -24.32 -4.57 -6.27
CA LYS A 225 -24.76 -4.45 -7.69
C LYS A 225 -24.46 -3.04 -8.22
N GLN A 226 -24.77 -2.00 -7.45
CA GLN A 226 -24.78 -0.61 -7.97
C GLN A 226 -23.48 0.15 -7.68
N SER A 227 -22.77 -0.25 -6.63
CA SER A 227 -21.59 0.52 -6.11
C SER A 227 -20.66 -0.45 -5.39
N PRO A 228 -20.10 -1.47 -6.09
CA PRO A 228 -19.25 -2.48 -5.43
C PRO A 228 -18.00 -1.87 -4.76
N TYR A 229 -17.58 -0.72 -5.26
CA TYR A 229 -16.67 0.21 -4.55
C TYR A 229 -17.34 1.56 -4.36
N TYR A 230 -17.01 2.19 -3.23
CA TYR A 230 -17.30 3.61 -2.93
C TYR A 230 -15.98 4.36 -3.13
N VAL A 231 -16.07 5.69 -3.19
CA VAL A 231 -14.88 6.59 -3.28
C VAL A 231 -14.81 7.41 -2.02
N LEU A 232 -13.66 7.32 -1.35
CA LEU A 232 -13.28 8.27 -0.27
C LEU A 232 -12.28 9.27 -0.84
N GLU A 233 -12.67 10.54 -0.80
CA GLU A 233 -11.80 11.66 -1.18
C GLU A 233 -11.16 12.29 0.06
N HIS A 234 -9.87 12.61 -0.05
CA HIS A 234 -9.13 13.53 0.86
C HIS A 234 -9.05 14.89 0.16
N ARG A 235 -9.84 15.84 0.63
CA ARG A 235 -9.88 17.21 0.09
C ARG A 235 -9.30 18.17 1.13
N GLN A 236 -8.78 19.31 0.65
CA GLN A 236 -8.36 20.43 1.51
C GLN A 236 -8.95 21.72 0.95
N TYR A 237 -9.28 22.64 1.85
CA TYR A 237 -9.71 24.01 1.49
C TYR A 237 -9.33 24.95 2.64
N TRP A 238 -9.37 26.26 2.33
CA TRP A 238 -9.15 27.35 3.32
C TRP A 238 -10.50 27.77 3.92
N HIS A 239 -10.64 27.55 5.22
CA HIS A 239 -11.90 27.70 5.97
C HIS A 239 -11.88 29.01 6.77
N ARG A 240 -12.78 29.93 6.41
CA ARG A 240 -12.89 31.23 7.10
C ARG A 240 -13.52 31.03 8.48
N ILE A 241 -12.82 31.39 9.56
CA ILE A 241 -13.39 31.23 10.94
C ILE A 241 -14.05 32.54 11.38
N TRP A 242 -13.55 33.70 10.93
CA TRP A 242 -14.28 34.97 11.11
C TRP A 242 -13.79 36.03 10.12
N THR A 243 -14.61 37.05 9.94
CA THR A 243 -14.26 38.28 9.18
C THR A 243 -15.05 39.45 9.76
N ASP A 244 -14.42 40.62 9.85
CA ASP A 244 -15.05 41.85 10.38
C ASP A 244 -14.27 43.05 9.88
N ILE A 245 -14.93 44.20 9.79
CA ILE A 245 -14.27 45.52 9.61
C ILE A 245 -13.87 46.00 11.01
N PHE A 246 -12.61 46.40 11.16
CA PHE A 246 -12.07 46.98 12.42
C PHE A 246 -11.85 48.48 12.19
N THR A 247 -12.27 49.31 13.15
CA THR A 247 -11.88 50.74 13.19
C THR A 247 -10.41 50.78 13.64
N ALA A 248 -9.73 51.90 13.39
CA ALA A 248 -8.35 52.16 13.84
C ALA A 248 -8.23 51.85 15.33
N GLY A 249 -7.30 50.97 15.70
CA GLY A 249 -6.97 50.66 17.11
C GLY A 249 -8.01 49.80 17.81
N GLU A 250 -8.94 49.19 17.07
CA GLU A 250 -10.08 48.47 17.69
C GLU A 250 -9.58 47.12 18.24
N ARG A 251 -10.09 46.75 19.41
CA ARG A 251 -9.83 45.44 20.05
C ARG A 251 -11.09 44.60 20.03
N ARG A 252 -10.93 43.30 19.71
CA ARG A 252 -12.06 42.36 19.64
C ARG A 252 -11.62 41.01 20.19
N GLU A 253 -12.61 40.22 20.58
CA GLU A 253 -12.42 38.86 21.14
C GLU A 253 -13.27 37.91 20.29
N TYR A 254 -12.69 36.77 19.91
CA TYR A 254 -13.38 35.70 19.17
C TYR A 254 -13.18 34.38 19.92
N ARG A 255 -14.22 33.55 19.89
CA ARG A 255 -14.14 32.12 20.28
C ARG A 255 -13.89 31.34 19.00
N GLU A 256 -12.70 30.74 18.87
CA GLU A 256 -12.32 29.95 17.68
C GLU A 256 -12.46 28.46 18.01
N VAL A 257 -13.41 27.80 17.35
CA VAL A 257 -13.66 26.34 17.55
C VAL A 257 -12.99 25.61 16.40
N THR A 258 -12.00 24.79 16.73
CA THR A 258 -11.26 24.01 15.73
C THR A 258 -11.33 22.52 16.06
N GLY A 259 -10.78 21.72 15.15
CA GLY A 259 -10.82 20.25 15.23
C GLY A 259 -12.05 19.68 14.55
N ILE A 260 -12.58 18.61 15.14
CA ILE A 260 -13.73 17.84 14.61
C ILE A 260 -14.55 17.36 15.80
N ASN A 261 -15.88 17.45 15.70
CA ASN A 261 -16.69 17.10 16.88
C ASN A 261 -16.86 15.58 16.95
N ASN A 262 -17.12 15.15 18.18
CA ASN A 262 -17.30 13.73 18.56
C ASN A 262 -18.40 13.10 17.68
N ASN A 263 -19.48 13.85 17.38
CA ASN A 263 -20.63 13.26 16.62
C ASN A 263 -20.20 12.95 15.17
N ALA A 264 -19.35 13.79 14.58
CA ALA A 264 -18.82 13.57 13.21
C ALA A 264 -17.88 12.36 13.19
N GLN A 265 -17.01 12.22 14.19
CA GLN A 265 -16.14 11.01 14.30
C GLN A 265 -16.98 9.73 14.44
N ASN A 266 -18.01 9.74 15.29
CA ASN A 266 -18.89 8.56 15.47
C ASN A 266 -19.59 8.21 14.15
N ASP A 267 -20.03 9.22 13.40
CA ASP A 267 -20.71 9.04 12.08
C ASP A 267 -19.71 8.41 11.11
N MET A 268 -18.47 8.92 11.09
CA MET A 268 -17.42 8.38 10.20
CA MET A 268 -17.41 8.38 10.19
C MET A 268 -17.13 6.93 10.58
N ASN A 269 -17.03 6.64 11.88
CA ASN A 269 -16.75 5.25 12.32
C ASN A 269 -17.89 4.30 11.89
N LYS A 270 -19.13 4.72 12.12
CA LYS A 270 -20.34 3.91 11.73
C LYS A 270 -20.33 3.67 10.22
N MET A 271 -20.02 4.71 9.44
CA MET A 271 -20.13 4.64 7.95
C MET A 271 -19.03 3.75 7.34
N ILE A 272 -17.76 3.94 7.70
CA ILE A 272 -16.61 3.28 6.97
C ILE A 272 -15.56 2.69 7.93
N ASN A 273 -15.78 2.72 9.25
CA ASN A 273 -14.93 2.00 10.25
C ASN A 273 -13.54 2.64 10.28
N ILE A 274 -13.52 3.96 10.07
CA ILE A 274 -12.30 4.82 10.12
C ILE A 274 -12.63 6.07 10.94
N THR A 275 -11.66 6.50 11.75
CA THR A 275 -11.70 7.81 12.47
C THR A 275 -10.39 8.55 12.24
N ILE A 276 -10.41 9.85 12.56
CA ILE A 276 -9.21 10.73 12.51
C ILE A 276 -8.55 10.67 13.89
N GLY A 277 -7.28 10.25 13.94
CA GLY A 277 -6.53 10.16 15.20
C GLY A 277 -6.09 11.54 15.66
N ALA A 278 -5.86 11.70 16.97
CA ALA A 278 -5.56 13.03 17.56
C ALA A 278 -4.18 13.56 17.11
N ASP A 279 -3.32 12.69 16.53
CA ASP A 279 -1.94 13.05 16.14
C ASP A 279 -1.90 13.87 14.84
N GLY A 280 -3.00 13.96 14.08
CA GLY A 280 -3.05 14.93 12.98
C GLY A 280 -4.33 14.81 12.16
N PRO A 281 -4.62 15.89 11.38
CA PRO A 281 -5.87 15.97 10.63
C PRO A 281 -5.92 15.00 9.43
N ASN A 282 -4.76 14.43 9.08
CA ASN A 282 -4.58 13.48 7.95
C ASN A 282 -4.13 12.10 8.47
N ARG A 283 -4.38 11.81 9.75
CA ARG A 283 -3.94 10.56 10.42
C ARG A 283 -5.15 9.67 10.68
N LEU A 284 -5.16 8.49 10.05
CA LEU A 284 -6.34 7.58 10.08
C LEU A 284 -6.12 6.44 11.07
N ARG A 285 -7.18 6.20 11.85
CA ARG A 285 -7.35 5.03 12.74
C ARG A 285 -8.33 4.06 12.07
N PHE A 286 -7.98 2.78 12.09
CA PHE A 286 -8.78 1.73 11.40
C PHE A 286 -9.34 0.78 12.46
N GLY A 287 -10.62 0.42 12.29
CA GLY A 287 -11.24 -0.67 13.07
C GLY A 287 -11.03 -2.02 12.41
N ASN A 288 -11.75 -3.02 12.96
CA ASN A 288 -11.63 -4.44 12.54
C ASN A 288 -12.03 -4.65 11.08
N LEU A 289 -12.99 -3.86 10.59
CA LEU A 289 -13.55 -4.07 9.21
C LEU A 289 -12.59 -3.51 8.15
N SER A 290 -11.96 -2.35 8.41
CA SER A 290 -11.18 -1.59 7.39
C SER A 290 -9.70 -1.97 7.43
N THR A 291 -9.23 -2.53 8.57
CA THR A 291 -7.80 -2.86 8.83
C THR A 291 -7.15 -3.67 7.71
N PRO A 292 -7.82 -4.69 7.13
CA PRO A 292 -7.18 -5.55 6.11
C PRO A 292 -6.82 -4.83 4.79
N PHE A 293 -7.36 -3.63 4.59
CA PHE A 293 -7.15 -2.74 3.41
C PHE A 293 -6.38 -1.45 3.76
N ARG A 294 -5.86 -1.34 4.99
CA ARG A 294 -5.35 -0.04 5.52
C ARG A 294 -4.25 0.55 4.64
N GLN A 295 -3.26 -0.24 4.17
CA GLN A 295 -2.09 0.30 3.44
C GLN A 295 -2.55 0.86 2.09
N GLN A 296 -3.43 0.16 1.38
CA GLN A 296 -4.03 0.66 0.10
C GLN A 296 -4.78 1.97 0.35
N ILE A 297 -5.57 2.04 1.42
CA ILE A 297 -6.39 3.24 1.75
C ILE A 297 -5.45 4.43 2.01
N ILE A 298 -4.41 4.23 2.83
CA ILE A 298 -3.39 5.27 3.16
C ILE A 298 -2.66 5.74 1.90
N ASP A 299 -2.16 4.79 1.10
CA ASP A 299 -1.32 5.05 -0.10
C ASP A 299 -2.17 5.89 -1.07
N ASN A 300 -3.41 5.48 -1.35
CA ASN A 300 -4.24 6.10 -2.41
C ASN A 300 -4.86 7.42 -1.93
N SER A 301 -5.26 7.51 -0.66
CA SER A 301 -5.86 8.74 -0.08
C SER A 301 -4.79 9.80 0.25
N ASN A 302 -3.49 9.44 0.22
CA ASN A 302 -2.36 10.35 0.64
C ASN A 302 -2.62 10.89 2.04
N THR A 303 -2.93 9.98 2.95
CA THR A 303 -2.99 10.19 4.41
C THR A 303 -1.84 9.40 5.04
N LEU A 304 -1.79 9.40 6.36
CA LEU A 304 -0.81 8.60 7.14
C LEU A 304 -1.57 7.78 8.17
N GLY A 305 -0.96 6.66 8.57
CA GLY A 305 -1.47 5.89 9.72
C GLY A 305 -1.33 6.69 11.00
N SER A 306 -2.38 6.69 11.83
CA SER A 306 -2.38 7.30 13.19
C SER A 306 -1.69 6.36 14.16
N PHE A 307 -0.90 6.90 15.12
CA PHE A 307 -0.32 6.14 16.25
C PHE A 307 -1.03 6.46 17.57
N ALA A 308 -2.08 7.28 17.53
CA ALA A 308 -2.78 7.75 18.75
C ALA A 308 -3.84 6.72 19.16
N ASN A 309 -4.11 6.64 20.47
CA ASN A 309 -5.19 5.77 21.04
CA ASN A 309 -5.17 5.78 21.06
C ASN A 309 -6.41 6.65 21.34
N THR A 310 -6.40 7.91 20.87
CA THR A 310 -7.55 8.83 21.04
C THR A 310 -7.85 9.49 19.69
N ASN A 311 -9.13 9.79 19.49
CA ASN A 311 -9.60 10.49 18.27
C ASN A 311 -9.40 11.99 18.40
N TYR A 312 -9.13 12.63 17.26
CA TYR A 312 -9.14 14.09 17.13
C TYR A 312 -10.49 14.59 17.69
N GLY A 313 -10.41 15.63 18.53
CA GLY A 313 -11.57 16.27 19.14
C GLY A 313 -11.70 17.73 18.77
N THR A 314 -12.53 18.46 19.52
CA THR A 314 -12.66 19.93 19.36
C THR A 314 -11.83 20.63 20.44
N ARG A 315 -11.45 21.86 20.09
CA ARG A 315 -10.83 22.79 21.04
C ARG A 315 -11.40 24.18 20.75
N THR A 316 -11.68 24.89 21.83
CA THR A 316 -12.19 26.29 21.83
C THR A 316 -11.09 27.17 22.42
N ASP A 317 -10.56 28.07 21.59
CA ASP A 317 -9.56 29.08 21.98
C ASP A 317 -10.24 30.44 22.04
N ILE A 318 -9.92 31.25 23.05
CA ILE A 318 -10.36 32.67 23.12
C ILE A 318 -9.19 33.47 22.55
N VAL A 319 -9.42 34.20 21.45
CA VAL A 319 -8.33 35.01 20.85
C VAL A 319 -8.70 36.48 20.96
N ASN A 320 -7.73 37.27 21.45
CA ASN A 320 -7.84 38.74 21.52
C ASN A 320 -6.99 39.30 20.39
N VAL A 321 -7.61 40.12 19.53
CA VAL A 321 -6.92 40.73 18.36
C VAL A 321 -7.08 42.24 18.45
N PHE A 322 -6.07 42.93 17.92
CA PHE A 322 -5.92 44.39 18.01
C PHE A 322 -5.57 44.89 16.62
N ASN A 323 -6.37 45.81 16.08
CA ASN A 323 -6.04 46.51 14.81
C ASN A 323 -4.97 47.57 15.10
N SER A 324 -3.69 47.20 14.95
CA SER A 324 -2.51 48.07 15.18
C SER A 324 -2.25 49.03 13.99
N GLU A 325 -3.16 49.09 13.01
CA GLU A 325 -3.13 50.10 11.92
C GLU A 325 -4.04 51.27 12.30
N PHE A 326 -3.71 52.49 11.83
CA PHE A 326 -4.52 53.72 12.06
C PHE A 326 -5.53 53.89 10.91
N HIS A 327 -5.87 52.79 10.22
CA HIS A 327 -6.90 52.73 9.14
C HIS A 327 -8.05 51.84 9.58
N GLN A 328 -9.23 52.09 9.02
CA GLN A 328 -10.35 51.12 8.98
C GLN A 328 -9.89 49.96 8.08
N VAL A 329 -9.96 48.71 8.57
CA VAL A 329 -9.43 47.53 7.82
C VAL A 329 -10.42 46.37 7.93
N ARG A 330 -10.69 45.74 6.79
CA ARG A 330 -11.37 44.42 6.67
C ARG A 330 -10.32 43.33 6.93
N TYR A 331 -10.55 42.50 7.95
CA TYR A 331 -9.75 41.30 8.27
C TYR A 331 -10.61 40.05 8.02
N ALA A 332 -10.04 39.05 7.36
CA ALA A 332 -10.64 37.72 7.19
C ALA A 332 -9.60 36.67 7.57
N ARG A 333 -9.94 35.79 8.51
CA ARG A 333 -9.02 34.81 9.11
C ARG A 333 -9.47 33.40 8.71
N PHE A 334 -8.50 32.62 8.24
CA PHE A 334 -8.73 31.26 7.69
C PHE A 334 -7.79 30.26 8.38
N VAL A 335 -8.29 29.05 8.59
CA VAL A 335 -7.45 27.89 8.96
C VAL A 335 -7.60 26.85 7.85
N LYS A 336 -6.61 25.96 7.76
CA LYS A 336 -6.66 24.87 6.76
C LYS A 336 -7.66 23.82 7.22
N ALA A 337 -8.54 23.40 6.30
CA ALA A 337 -9.55 22.36 6.56
C ALA A 337 -9.20 21.11 5.75
N TYR A 338 -9.34 19.97 6.41
CA TYR A 338 -9.25 18.61 5.80
C TYR A 338 -10.67 18.06 5.70
N GLU A 339 -11.10 17.76 4.48
CA GLU A 339 -12.50 17.36 4.20
C GLU A 339 -12.51 15.96 3.58
N TYR A 340 -13.17 15.03 4.25
CA TYR A 340 -13.27 13.60 3.85
C TYR A 340 -14.69 13.40 3.34
N ARG A 341 -14.81 12.99 2.08
CA ARG A 341 -16.11 12.92 1.39
C ARG A 341 -16.26 11.51 0.80
N LEU A 342 -17.44 10.91 1.01
CA LEU A 342 -17.71 9.53 0.52
C LEU A 342 -18.79 9.63 -0.56
N THR A 343 -18.53 9.03 -1.73
CA THR A 343 -19.50 8.97 -2.84
C THR A 343 -19.68 7.53 -3.30
N ARG A 344 -20.88 7.29 -3.85
CA ARG A 344 -21.21 6.03 -4.54
C ARG A 344 -20.58 6.08 -5.93
N ALA A 345 -20.63 4.96 -6.64
CA ALA A 345 -20.13 4.82 -8.02
C ALA A 345 -20.83 5.80 -8.97
N ASP A 346 -22.09 6.17 -8.72
CA ASP A 346 -22.83 7.12 -9.59
C ASP A 346 -22.43 8.57 -9.30
N GLY A 347 -21.53 8.82 -8.33
CA GLY A 347 -21.09 10.18 -7.98
C GLY A 347 -21.93 10.80 -6.87
N SER A 348 -23.00 10.14 -6.42
CA SER A 348 -23.91 10.70 -5.36
C SER A 348 -23.22 10.66 -3.99
N GLN A 349 -23.38 11.74 -3.22
CA GLN A 349 -22.77 11.86 -1.86
C GLN A 349 -23.55 10.98 -0.88
N VAL A 350 -22.87 10.25 0.02
CA VAL A 350 -23.55 9.32 0.96
C VAL A 350 -24.04 10.08 2.20
N GLY A 351 -23.32 11.09 2.65
CA GLY A 351 -23.83 11.97 3.70
C GLY A 351 -22.99 13.23 3.74
N THR A 352 -23.06 14.00 4.82
CA THR A 352 -22.32 15.27 4.90
C THR A 352 -20.85 14.90 5.12
N PRO A 353 -19.93 15.61 4.44
CA PRO A 353 -18.51 15.33 4.59
C PRO A 353 -18.07 15.57 6.04
N TRP A 354 -17.00 14.85 6.42
CA TRP A 354 -16.35 15.00 7.75
C TRP A 354 -15.20 15.98 7.61
N VAL A 355 -15.19 17.03 8.45
CA VAL A 355 -14.21 18.14 8.32
C VAL A 355 -13.40 18.27 9.60
N VAL A 356 -12.08 18.32 9.44
CA VAL A 356 -11.14 18.71 10.53
C VAL A 356 -10.60 20.11 10.24
N LEU A 357 -10.86 21.06 11.15
CA LEU A 357 -10.22 22.40 11.07
C LEU A 357 -8.88 22.30 11.82
N ASP A 358 -7.78 22.56 11.10
CA ASP A 358 -6.42 22.52 11.67
C ASP A 358 -6.06 23.91 12.18
N ARG A 359 -6.08 24.09 13.50
CA ARG A 359 -5.70 25.40 14.11
C ARG A 359 -4.22 25.74 13.87
N LYS A 360 -3.40 24.77 13.45
CA LYS A 360 -1.91 24.94 13.38
C LYS A 360 -1.45 25.56 12.05
N GLU A 361 -2.36 25.74 11.10
CA GLU A 361 -2.01 26.32 9.78
C GLU A 361 -3.05 27.38 9.43
N MET A 362 -2.61 28.64 9.36
CA MET A 362 -3.55 29.78 9.32
C MET A 362 -3.06 30.88 8.36
N ASP A 363 -4.03 31.50 7.70
CA ASP A 363 -3.80 32.56 6.68
C ASP A 363 -4.71 33.75 7.00
N LEU A 364 -4.39 34.89 6.40
CA LEU A 364 -5.11 36.16 6.65
C LEU A 364 -5.28 36.86 5.30
N ARG A 365 -6.45 37.43 5.08
CA ARG A 365 -6.67 38.40 3.97
C ARG A 365 -7.16 39.73 4.56
N THR A 366 -6.66 40.84 4.00
CA THR A 366 -7.02 42.20 4.44
C THR A 366 -7.46 43.07 3.26
N TYR A 367 -8.29 44.06 3.57
CA TYR A 367 -8.51 45.25 2.71
C TYR A 367 -8.53 46.50 3.58
N PRO A 368 -7.67 47.51 3.29
CA PRO A 368 -6.67 47.44 2.21
C PRO A 368 -5.64 46.31 2.32
N HIS A 369 -4.90 46.08 1.23
CA HIS A 369 -3.88 45.01 1.13
C HIS A 369 -2.69 45.33 2.05
N ASN A 370 -2.00 44.28 2.51
CA ASN A 370 -0.68 44.35 3.23
C ASN A 370 -0.87 44.99 4.60
N MET A 371 -2.05 44.84 5.19
CA MET A 371 -2.29 45.27 6.59
C MET A 371 -1.96 44.10 7.52
N ALA A 372 -1.69 44.42 8.78
CA ALA A 372 -1.34 43.41 9.79
C ALA A 372 -2.17 43.65 11.06
N ILE A 373 -2.75 42.57 11.57
CA ILE A 373 -3.49 42.57 12.86
C ILE A 373 -2.55 41.99 13.92
N THR A 374 -2.67 42.46 15.17
CA THR A 374 -1.92 41.92 16.32
C THR A 374 -2.80 40.89 17.06
N LEU A 375 -2.29 39.66 17.17
CA LEU A 375 -2.81 38.62 18.08
C LEU A 375 -2.24 38.92 19.46
N GLU A 376 -3.02 39.60 20.32
CA GLU A 376 -2.58 40.04 21.67
C GLU A 376 -2.37 38.83 22.57
N ASN A 377 -3.32 37.89 22.51
CA ASN A 377 -3.44 36.84 23.55
C ASN A 377 -4.29 35.69 23.02
N VAL A 378 -3.92 34.48 23.43
CA VAL A 378 -4.67 33.21 23.15
C VAL A 378 -4.78 32.49 24.49
N LYS A 379 -5.96 31.94 24.78
CA LYS A 379 -6.19 31.09 25.97
C LYS A 379 -7.10 29.95 25.55
N ILE A 380 -6.82 28.76 26.06
CA ILE A 380 -7.72 27.59 25.84
C ILE A 380 -8.91 27.75 26.78
N ASP A 381 -10.12 27.77 26.21
CA ASP A 381 -11.38 27.76 27.00
C ASP A 381 -11.67 26.32 27.41
N ASN A 382 -11.66 25.41 26.45
CA ASN A 382 -11.82 23.96 26.72
C ASN A 382 -11.34 23.13 25.55
N ALA A 383 -10.99 21.89 25.85
CA ALA A 383 -10.60 20.89 24.85
C ALA A 383 -11.16 19.53 25.26
N ASP A 384 -11.48 18.73 24.24
CA ASP A 384 -12.08 17.39 24.45
C ASP A 384 -11.03 16.43 25.01
N ASN A 385 -9.73 16.69 24.75
CA ASN A 385 -8.63 15.81 25.26
C ASN A 385 -7.37 16.65 25.47
N SER A 386 -6.35 16.02 26.07
CA SER A 386 -5.09 16.69 26.45
C SER A 386 -3.98 16.36 25.43
N TYR A 387 -4.31 15.91 24.23
CA TYR A 387 -3.29 15.45 23.24
C TYR A 387 -2.42 16.62 22.78
N ASP A 388 -3.03 17.77 22.47
CA ASP A 388 -2.34 18.96 21.89
C ASP A 388 -2.75 20.19 22.70
N LEU A 389 -1.92 20.62 23.65
CA LEU A 389 -2.27 21.79 24.49
C LEU A 389 -1.26 22.92 24.26
N SER A 390 -0.72 23.02 23.04
CA SER A 390 0.14 24.16 22.63
C SER A 390 -0.76 25.34 22.27
N ILE A 391 -0.26 26.57 22.49
CA ILE A 391 -0.91 27.85 22.07
C ILE A 391 0.15 28.71 21.37
N TRP A 392 -0.30 29.71 20.62
CA TRP A 392 0.59 30.69 19.96
C TRP A 392 1.33 31.49 21.03
N LYS A 393 2.63 31.73 20.81
CA LYS A 393 3.38 32.77 21.55
C LYS A 393 2.86 34.14 21.11
N THR A 394 2.41 34.95 22.05
CA THR A 394 1.84 36.29 21.78
C THR A 394 2.69 37.32 22.51
N PRO A 395 2.73 38.59 22.07
CA PRO A 395 2.00 39.04 20.88
C PRO A 395 2.61 38.52 19.56
N LEU A 396 1.76 38.36 18.55
CA LEU A 396 2.11 37.84 17.20
C LEU A 396 1.44 38.75 16.16
N LYS A 397 2.22 39.21 15.18
CA LYS A 397 1.68 39.96 14.02
C LYS A 397 1.22 38.99 12.94
N LEU A 398 -0.06 39.06 12.55
CA LEU A 398 -0.60 38.33 11.38
C LEU A 398 -0.70 39.30 10.22
N LYS A 399 0.00 38.99 9.13
CA LYS A 399 0.17 39.85 7.94
C LYS A 399 -0.67 39.26 6.80
N ASP A 400 -1.31 40.15 6.03
CA ASP A 400 -2.01 39.83 4.76
C ASP A 400 -1.14 38.88 3.94
N GLY A 401 -1.66 37.70 3.60
CA GLY A 401 -1.07 36.80 2.59
C GLY A 401 -0.05 35.84 3.18
N LYS A 402 0.27 35.95 4.48
CA LYS A 402 1.36 35.12 5.06
C LYS A 402 0.75 33.95 5.83
N ILE A 403 1.00 32.72 5.33
CA ILE A 403 0.64 31.46 6.03
C ILE A 403 1.60 31.27 7.21
N ILE A 404 1.05 31.06 8.40
CA ILE A 404 1.82 30.68 9.62
C ILE A 404 1.49 29.24 10.01
N ILE A 405 2.54 28.44 10.17
CA ILE A 405 2.45 27.02 10.62
C ILE A 405 3.12 26.93 11.98
N GLU A 406 2.49 26.21 12.89
CA GLU A 406 3.02 26.02 14.27
C GLU A 406 4.38 25.33 14.18
N ASN A 407 5.35 25.83 14.96
CA ASN A 407 6.68 25.22 15.14
C ASN A 407 7.16 25.50 16.57
N HIS A 408 8.37 25.04 16.93
CA HIS A 408 9.00 25.18 18.27
C HIS A 408 9.16 26.66 18.63
N GLU A 409 9.35 27.55 17.64
CA GLU A 409 9.70 28.98 17.90
C GLU A 409 8.46 29.82 18.17
N ASN A 410 7.28 29.51 17.58
CA ASN A 410 6.11 30.42 17.62
C ASN A 410 4.99 29.88 18.52
N SER A 411 5.25 28.81 19.28
CA SER A 411 4.23 28.18 20.15
C SER A 411 4.85 27.77 21.49
N LYS A 412 3.98 27.44 22.45
CA LYS A 412 4.39 27.05 23.84
C LYS A 412 3.25 26.29 24.49
N PRO A 413 3.54 25.53 25.58
CA PRO A 413 2.48 24.92 26.37
C PRO A 413 1.60 26.02 26.97
N TYR A 414 0.31 25.77 27.15
CA TYR A 414 -0.67 26.79 27.62
C TYR A 414 -0.31 27.35 29.01
N TYR A 415 0.42 26.62 29.84
CA TYR A 415 0.70 27.00 31.26
C TYR A 415 1.98 27.85 31.39
N ASN A 416 2.78 27.97 30.32
CA ASN A 416 4.00 28.82 30.26
C ASN A 416 3.61 30.22 29.73
N ASN B 1 5.80 13.52 -3.71
CA ASN B 1 4.86 13.23 -2.58
C ASN B 1 5.20 11.86 -1.96
N LEU B 2 6.00 11.90 -0.89
CA LEU B 2 6.47 10.74 -0.08
C LEU B 2 5.50 10.53 1.08
N ASN B 3 4.83 9.38 1.12
CA ASN B 3 3.76 9.09 2.10
C ASN B 3 4.30 8.27 3.28
N LEU B 4 5.34 8.75 3.96
CA LEU B 4 5.97 8.03 5.09
C LEU B 4 5.85 8.83 6.38
N PRO B 5 5.74 8.12 7.52
CA PRO B 5 5.81 8.78 8.82
C PRO B 5 7.18 9.47 8.99
N GLU B 6 7.23 10.53 9.80
CA GLU B 6 8.48 11.31 9.99
C GLU B 6 9.57 10.44 10.61
N GLN B 7 9.21 9.41 11.38
CA GLN B 7 10.23 8.53 12.05
C GLN B 7 10.98 7.69 11.01
N SER B 8 10.41 7.55 9.80
CA SER B 8 10.97 6.70 8.71
C SER B 8 11.92 7.50 7.79
N THR B 9 12.00 8.82 7.91
CA THR B 9 12.79 9.67 6.98
C THR B 9 13.86 10.45 7.73
N ARG B 10 14.23 9.98 8.91
CA ARG B 10 15.26 10.58 9.79
C ARG B 10 15.79 9.50 10.73
N PHE B 11 16.89 9.82 11.41
CA PHE B 11 17.35 9.06 12.60
C PHE B 11 16.99 9.89 13.84
N GLN B 12 16.75 9.18 14.94
CA GLN B 12 16.34 9.78 16.23
C GLN B 12 16.87 8.93 17.39
N THR B 13 17.11 9.59 18.52
CA THR B 13 17.43 8.89 19.78
C THR B 13 16.11 8.61 20.49
N ILE B 14 16.15 7.66 21.43
CA ILE B 14 15.00 7.25 22.28
C ILE B 14 15.43 7.36 23.74
N ALA B 15 14.61 8.02 24.55
CA ALA B 15 14.89 8.33 25.97
C ALA B 15 13.59 8.24 26.78
N SER B 16 13.68 7.80 28.03
CA SER B 16 12.62 8.06 29.05
C SER B 16 12.45 9.57 29.20
N ILE B 17 11.20 10.04 29.29
CA ILE B 17 10.91 11.47 29.60
C ILE B 17 11.38 11.78 31.04
N HIS B 18 11.62 10.75 31.86
CA HIS B 18 12.02 10.93 33.28
C HIS B 18 13.55 10.88 33.46
N SER B 19 14.30 10.74 32.37
CA SER B 19 15.79 10.75 32.35
C SER B 19 16.30 12.14 31.99
N ASN B 20 17.26 12.66 32.77
CA ASN B 20 17.86 14.01 32.55
C ASN B 20 18.64 14.00 31.24
N ASN B 21 19.47 12.97 30.99
CA ASN B 21 20.54 13.01 29.95
CA ASN B 21 20.48 13.03 29.89
C ASN B 21 20.75 11.66 29.27
N CYS B 22 20.05 10.59 29.70
CA CYS B 22 20.30 9.22 29.18
C CYS B 22 19.33 8.88 28.05
N SER B 23 19.83 8.08 27.10
CA SER B 23 19.10 7.55 25.92
C SER B 23 19.50 6.09 25.71
N PHE B 24 18.70 5.36 24.93
CA PHE B 24 18.93 3.94 24.60
C PHE B 24 20.20 3.86 23.76
N GLU B 25 21.11 2.96 24.14
CA GLU B 25 22.46 2.81 23.56
C GLU B 25 22.68 1.36 23.11
N ILE B 26 23.07 1.17 21.86
CA ILE B 26 23.48 -0.15 21.30
C ILE B 26 24.79 -0.60 21.96
N LEU B 27 24.78 -1.77 22.60
CA LEU B 27 25.97 -2.43 23.21
C LEU B 27 26.32 -3.71 22.45
N ASN B 28 27.60 -4.09 22.50
CA ASN B 28 28.08 -5.43 22.02
CA ASN B 28 28.14 -5.39 22.02
C ASN B 28 28.56 -6.22 23.24
N ASN B 29 27.72 -6.27 24.27
CA ASN B 29 28.06 -6.95 25.54
C ASN B 29 27.66 -8.42 25.47
N ASP B 30 28.13 -9.20 26.43
CA ASP B 30 27.82 -10.65 26.58
C ASP B 30 27.09 -10.85 27.89
N PRO B 31 26.41 -12.02 28.08
CA PRO B 31 25.86 -12.38 29.39
C PRO B 31 26.94 -12.32 30.47
N GLY B 32 26.60 -11.75 31.63
CA GLY B 32 27.51 -11.62 32.79
C GLY B 32 28.10 -10.23 32.90
N TYR B 33 27.95 -9.39 31.87
CA TYR B 33 28.40 -7.97 31.86
C TYR B 33 27.73 -7.21 33.01
N ILE B 34 28.50 -6.42 33.78
CA ILE B 34 28.02 -5.67 34.99
C ILE B 34 27.72 -4.22 34.63
N TYR B 35 26.47 -3.79 34.89
CA TYR B 35 26.04 -2.37 34.85
C TYR B 35 26.39 -1.74 36.21
N GLY B 36 27.55 -1.08 36.29
CA GLY B 36 28.19 -0.59 37.53
C GLY B 36 27.29 0.27 38.40
N ASP B 37 26.49 1.17 37.81
CA ASP B 37 25.62 2.14 38.55
C ASP B 37 24.38 1.46 39.12
N SER B 38 23.99 0.28 38.62
CA SER B 38 22.68 -0.33 38.98
C SER B 38 22.71 -0.87 40.41
N VAL B 39 21.58 -0.74 41.11
CA VAL B 39 21.30 -1.49 42.38
C VAL B 39 21.37 -2.98 42.05
N ASP B 40 21.68 -3.80 43.06
CA ASP B 40 21.87 -5.26 42.92
C ASP B 40 20.56 -5.92 42.52
N GLY B 41 20.64 -7.04 41.80
CA GLY B 41 19.49 -7.79 41.27
C GLY B 41 19.50 -7.83 39.74
N GLU B 42 18.33 -8.05 39.15
CA GLU B 42 18.19 -8.41 37.71
C GLU B 42 18.63 -7.25 36.80
N CYS B 43 18.78 -6.03 37.33
CA CYS B 43 19.11 -4.81 36.54
C CYS B 43 20.62 -4.60 36.43
N ARG B 44 21.42 -5.35 37.20
CA ARG B 44 22.88 -5.14 37.35
C ARG B 44 23.67 -6.03 36.38
N ILE B 45 23.11 -7.18 35.99
CA ILE B 45 23.84 -8.23 35.20
C ILE B 45 23.10 -8.43 33.87
N ALA B 46 23.83 -8.42 32.76
CA ALA B 46 23.31 -8.77 31.41
C ALA B 46 22.99 -10.27 31.36
N VAL B 47 21.84 -10.61 30.79
CA VAL B 47 21.35 -12.02 30.67
C VAL B 47 21.40 -12.47 29.20
N ALA B 48 21.65 -11.54 28.28
CA ALA B 48 21.65 -11.80 26.82
C ALA B 48 22.79 -11.03 26.15
N HIS B 49 23.24 -11.55 25.00
CA HIS B 49 24.15 -10.87 24.06
CA HIS B 49 24.15 -10.87 24.04
C HIS B 49 23.44 -9.62 23.50
N ARG B 50 24.16 -8.49 23.44
CA ARG B 50 23.69 -7.23 22.79
C ARG B 50 22.39 -6.73 23.43
N GLU B 51 22.40 -6.57 24.76
CA GLU B 51 21.39 -5.75 25.48
C GLU B 51 21.56 -4.29 25.05
N LEU B 52 20.60 -3.44 25.42
CA LEU B 52 20.68 -1.98 25.25
C LEU B 52 20.92 -1.33 26.61
N GLY B 53 21.74 -0.28 26.62
CA GLY B 53 22.08 0.51 27.81
C GLY B 53 21.23 1.76 27.91
N ASN B 54 21.09 2.26 29.13
CA ASN B 54 20.58 3.63 29.42
C ASN B 54 21.81 4.52 29.57
N GLY B 55 22.34 5.00 28.45
CA GLY B 55 23.65 5.70 28.41
C GLY B 55 23.48 7.21 28.29
N LEU B 56 24.38 7.96 28.93
CA LEU B 56 24.52 9.42 28.70
C LEU B 56 24.67 9.65 27.21
N GLU B 57 23.72 10.39 26.60
CA GLU B 57 23.67 10.56 25.13
C GLU B 57 24.91 11.33 24.68
N ARG B 58 25.63 10.77 23.70
CA ARG B 58 26.80 11.40 23.06
C ARG B 58 26.32 11.91 21.69
N THR B 59 26.33 13.23 21.48
CA THR B 59 25.82 13.82 20.21
C THR B 59 26.71 13.34 19.05
N GLY B 60 26.09 12.90 17.97
CA GLY B 60 26.78 12.42 16.76
C GLY B 60 27.23 10.96 16.87
N ASP B 61 26.88 10.26 17.94
CA ASP B 61 27.27 8.84 18.12
C ASP B 61 26.15 7.96 17.55
N ASP B 62 26.49 7.15 16.53
CA ASP B 62 25.54 6.28 15.77
C ASP B 62 24.91 5.21 16.65
N ARG B 63 25.52 4.90 17.80
CA ARG B 63 25.02 3.87 18.76
C ARG B 63 23.72 4.31 19.43
N PHE B 64 23.35 5.59 19.34
CA PHE B 64 22.06 6.09 19.90
C PHE B 64 21.03 6.37 18.81
N LEU B 65 21.40 6.24 17.53
CA LEU B 65 20.55 6.72 16.39
C LEU B 65 19.80 5.55 15.74
N PHE B 66 18.48 5.73 15.62
CA PHE B 66 17.54 4.71 15.09
C PHE B 66 16.68 5.31 13.99
N ILE B 67 16.45 4.49 12.97
CA ILE B 67 15.47 4.77 11.88
C ILE B 67 14.36 3.74 12.06
N PHE B 68 13.12 4.19 11.88
CA PHE B 68 11.90 3.34 11.99
C PHE B 68 11.43 2.99 10.56
N TYR B 69 11.62 1.74 10.14
CA TYR B 69 11.14 1.28 8.83
C TYR B 69 9.68 0.86 8.97
N ALA B 70 8.80 1.49 8.17
CA ALA B 70 7.33 1.32 8.23
C ALA B 70 6.91 0.06 7.50
N LEU B 71 6.29 -0.87 8.23
CA LEU B 71 5.70 -2.11 7.67
C LEU B 71 4.29 -1.81 7.16
N ASP B 72 3.79 -2.63 6.23
CA ASP B 72 2.40 -2.53 5.73
C ASP B 72 1.37 -2.57 6.87
N ASN B 73 1.68 -3.25 7.99
CA ASN B 73 0.72 -3.44 9.10
C ASN B 73 0.82 -2.31 10.13
N ASN B 74 1.58 -1.26 9.84
CA ASN B 74 1.60 -0.01 10.66
C ASN B 74 2.54 -0.17 11.86
N ASN B 75 3.22 -1.32 11.98
CA ASN B 75 4.33 -1.49 12.95
C ASN B 75 5.64 -1.09 12.28
N PHE B 76 6.72 -1.13 13.05
CA PHE B 76 8.07 -0.69 12.61
C PHE B 76 9.12 -1.76 12.92
N ILE B 77 10.12 -1.83 12.03
CA ILE B 77 11.45 -2.42 12.28
C ILE B 77 12.38 -1.26 12.63
N ILE B 78 13.05 -1.34 13.78
CA ILE B 78 13.89 -0.23 14.31
C ILE B 78 15.36 -0.60 14.17
N ALA B 79 16.06 0.05 13.25
CA ALA B 79 17.48 -0.22 12.93
C ALA B 79 18.37 0.90 13.46
N ASN B 80 19.57 0.53 13.95
CA ASN B 80 20.54 1.50 14.49
C ASN B 80 21.58 1.84 13.41
N ARG B 81 22.14 3.05 13.50
CA ARG B 81 23.01 3.63 12.44
C ARG B 81 24.43 3.12 12.60
N HIS B 82 24.77 2.53 13.75
CA HIS B 82 26.14 2.02 14.01
C HIS B 82 26.39 0.76 13.18
N ASP B 83 25.51 -0.24 13.27
CA ASP B 83 25.77 -1.55 12.59
C ASP B 83 24.56 -2.07 11.80
N GLY B 84 23.43 -1.36 11.80
CA GLY B 84 22.25 -1.75 10.99
C GLY B 84 21.47 -2.92 11.59
N PHE B 85 21.86 -3.41 12.77
CA PHE B 85 21.05 -4.43 13.51
C PHE B 85 19.77 -3.75 14.00
N VAL B 86 18.76 -4.58 14.26
CA VAL B 86 17.40 -4.09 14.63
C VAL B 86 17.07 -4.48 16.06
N LEU B 87 16.18 -3.72 16.68
CA LEU B 87 15.67 -4.02 18.03
C LEU B 87 14.81 -5.28 17.99
N GLN B 88 14.84 -6.02 19.09
CA GLN B 88 14.06 -7.26 19.25
C GLN B 88 13.74 -7.46 20.72
N PHE B 89 12.50 -7.88 21.00
CA PHE B 89 12.08 -8.37 22.33
C PHE B 89 12.68 -9.76 22.51
N LEU B 90 13.17 -10.03 23.74
CA LEU B 90 13.73 -11.35 24.10
C LEU B 90 13.48 -11.64 25.59
N ILE B 91 13.14 -12.89 25.89
CA ILE B 91 13.11 -13.43 27.29
C ILE B 91 14.39 -14.26 27.47
N ALA B 92 15.18 -13.90 28.48
CA ALA B 92 16.33 -14.72 28.98
C ALA B 92 16.31 -14.68 30.51
N ASN B 93 16.35 -15.86 31.16
CA ASN B 93 16.24 -16.02 32.63
C ASN B 93 14.94 -15.43 33.14
N GLY B 94 13.84 -15.58 32.41
CA GLY B 94 12.51 -15.06 32.79
C GLY B 94 12.47 -13.54 32.86
N GLN B 95 13.44 -12.85 32.25
CA GLN B 95 13.45 -11.36 32.15
C GLN B 95 13.20 -10.93 30.69
N GLY B 96 12.19 -10.08 30.48
CA GLY B 96 11.91 -9.44 29.18
C GLY B 96 12.85 -8.27 28.94
N VAL B 97 13.70 -8.37 27.92
CA VAL B 97 14.71 -7.33 27.57
C VAL B 97 14.55 -6.94 26.11
N ILE B 98 15.11 -5.78 25.77
CA ILE B 98 15.33 -5.35 24.36
C ILE B 98 16.78 -5.62 23.99
N VAL B 99 16.99 -6.36 22.90
CA VAL B 99 18.34 -6.64 22.35
C VAL B 99 18.39 -6.09 20.92
N SER B 100 19.59 -6.09 20.33
CA SER B 100 19.77 -5.84 18.88
C SER B 100 20.22 -7.14 18.21
N ARG B 101 19.57 -7.45 17.07
CA ARG B 101 19.82 -8.68 16.28
C ARG B 101 19.72 -8.33 14.79
N GLU B 102 20.33 -9.15 13.95
CA GLU B 102 20.16 -9.04 12.48
C GLU B 102 18.66 -9.13 12.13
N TYR B 103 18.21 -8.25 11.24
CA TYR B 103 16.86 -8.34 10.61
C TYR B 103 16.60 -9.78 10.15
N GLN B 104 15.49 -10.37 10.61
CA GLN B 104 15.20 -11.79 10.29
C GLN B 104 14.26 -11.90 9.09
N PRO B 105 13.00 -11.40 9.12
CA PRO B 105 12.34 -10.81 10.28
C PRO B 105 11.54 -11.82 11.12
N ASN B 106 11.13 -11.37 12.31
CA ASN B 106 10.23 -12.16 13.19
C ASN B 106 9.31 -11.17 13.92
N ILE B 107 8.24 -11.68 14.53
CA ILE B 107 7.19 -10.83 15.15
C ILE B 107 7.79 -10.03 16.33
N HIS B 108 8.86 -10.54 16.97
CA HIS B 108 9.52 -9.86 18.12
C HIS B 108 10.39 -8.68 17.68
N GLN B 109 10.63 -8.52 16.36
CA GLN B 109 11.33 -7.33 15.80
C GLN B 109 10.30 -6.25 15.40
N GLU B 110 9.00 -6.53 15.52
CA GLU B 110 7.95 -5.56 15.15
C GLU B 110 7.55 -4.76 16.40
N PHE B 111 7.71 -3.44 16.33
CA PHE B 111 7.31 -2.50 17.39
C PHE B 111 6.15 -1.60 16.92
N THR B 112 5.21 -1.38 17.83
CA THR B 112 4.06 -0.46 17.66
C THR B 112 4.39 0.83 18.41
N ILE B 113 4.28 1.98 17.73
CA ILE B 113 4.29 3.31 18.42
C ILE B 113 2.89 3.57 18.97
N GLN B 114 2.81 3.88 20.26
CA GLN B 114 1.55 4.33 20.90
C GLN B 114 1.80 5.76 21.36
N SER B 115 1.30 6.74 20.59
CA SER B 115 1.45 8.19 20.88
C SER B 115 0.43 8.57 21.95
N ILE B 116 0.94 9.05 23.10
CA ILE B 116 0.15 9.47 24.30
C ILE B 116 -0.26 10.93 24.12
N ASN B 117 0.66 11.74 23.57
CA ASN B 117 0.44 13.17 23.25
C ASN B 117 1.52 13.57 22.25
N SER B 118 1.59 14.86 21.89
CA SER B 118 2.38 15.40 20.74
C SER B 118 3.84 14.93 20.77
N ASP B 119 4.48 14.90 21.95
CA ASP B 119 5.95 14.66 22.06
C ASP B 119 6.26 13.43 22.93
N THR B 120 5.25 12.66 23.36
CA THR B 120 5.40 11.47 24.24
C THR B 120 4.81 10.23 23.58
N PHE B 121 5.54 9.12 23.62
CA PHE B 121 5.10 7.84 23.00
C PHE B 121 5.61 6.67 23.84
N ARG B 122 5.03 5.50 23.59
CA ARG B 122 5.46 4.20 24.16
C ARG B 122 5.84 3.27 23.02
N LEU B 123 6.80 2.39 23.27
CA LEU B 123 7.23 1.35 22.31
C LEU B 123 6.63 0.02 22.76
N HIS B 124 5.61 -0.43 22.02
CA HIS B 124 4.81 -1.63 22.33
C HIS B 124 5.28 -2.83 21.50
N SER B 125 5.55 -3.95 22.18
CA SER B 125 5.73 -5.29 21.57
C SER B 125 4.39 -6.03 21.70
N ARG B 126 3.62 -6.11 20.61
CA ARG B 126 2.19 -6.48 20.69
C ARG B 126 2.03 -7.98 20.99
N ASP B 127 2.98 -8.83 20.57
CA ASP B 127 2.86 -10.30 20.78
C ASP B 127 2.86 -10.62 22.28
N THR B 128 3.67 -9.90 23.06
CA THR B 128 3.92 -10.13 24.52
C THR B 128 3.19 -9.09 25.38
N ASN B 129 2.65 -8.05 24.75
CA ASN B 129 1.92 -6.94 25.43
C ASN B 129 2.86 -6.25 26.43
N THR B 130 4.08 -5.94 25.99
CA THR B 130 5.15 -5.34 26.82
C THR B 130 5.53 -3.96 26.25
N PHE B 131 6.06 -3.10 27.12
CA PHE B 131 6.51 -1.72 26.80
C PHE B 131 7.96 -1.52 27.26
N ALA B 132 8.75 -0.88 26.39
CA ALA B 132 10.19 -0.67 26.59
C ALA B 132 10.40 0.49 27.55
N THR B 133 11.29 0.30 28.53
CA THR B 133 11.70 1.37 29.48
C THR B 133 12.98 0.93 30.18
N VAL B 134 13.38 1.69 31.21
CA VAL B 134 14.67 1.48 31.93
C VAL B 134 14.39 0.56 33.13
N CYS B 135 15.29 -0.40 33.33
CA CYS B 135 15.19 -1.45 34.39
C CYS B 135 14.98 -0.80 35.77
N TRP B 136 13.91 -1.19 36.47
CA TRP B 136 13.55 -0.75 37.86
C TRP B 136 13.46 0.78 37.95
N ALA B 137 13.13 1.45 36.84
CA ALA B 137 12.92 2.92 36.78
C ALA B 137 14.18 3.69 37.21
N GLN B 138 15.37 3.15 36.93
CA GLN B 138 16.67 3.80 37.28
C GLN B 138 17.04 4.73 36.12
N PHE B 139 16.25 5.79 35.94
CA PHE B 139 16.16 6.60 34.70
C PHE B 139 17.46 7.38 34.47
N ASN B 140 18.23 7.65 35.52
CA ASN B 140 19.48 8.46 35.44
C ASN B 140 20.71 7.59 35.73
N SER B 141 20.57 6.27 35.60
CA SER B 141 21.64 5.29 35.94
C SER B 141 21.96 4.44 34.73
N TRP B 142 23.22 4.04 34.63
CA TRP B 142 23.73 3.00 33.69
C TRP B 142 23.11 1.66 34.09
N THR B 143 22.22 1.14 33.25
CA THR B 143 21.53 -0.17 33.40
C THR B 143 20.89 -0.50 32.06
N LYS B 144 20.16 -1.60 32.02
CA LYS B 144 19.67 -2.16 30.73
C LYS B 144 18.28 -1.61 30.42
N ILE B 145 17.87 -1.77 29.15
CA ILE B 145 16.48 -1.51 28.68
C ILE B 145 15.68 -2.81 28.80
N VAL B 146 14.53 -2.74 29.45
CA VAL B 146 13.61 -3.89 29.64
C VAL B 146 12.34 -3.63 28.83
N SER B 147 11.52 -4.67 28.71
CA SER B 147 10.18 -4.62 28.10
C SER B 147 9.25 -5.38 29.03
N ARG B 148 8.33 -4.68 29.69
CA ARG B 148 7.51 -5.21 30.80
C ARG B 148 6.02 -4.96 30.53
N VAL B 149 5.16 -5.81 31.09
CA VAL B 149 3.67 -5.64 31.05
C VAL B 149 3.31 -4.48 31.99
N ASP B 150 2.21 -3.80 31.70
N ASP B 150 2.21 -3.80 31.68
CA ASP B 150 1.71 -2.69 32.57
CA ASP B 150 1.63 -2.74 32.56
C ASP B 150 1.11 -3.32 33.84
C ASP B 150 1.16 -3.41 33.86
N ASN B 151 1.65 -2.93 35.00
CA ASN B 151 1.14 -3.29 36.35
C ASN B 151 1.25 -2.05 37.21
N PRO B 152 0.51 -1.98 38.34
CA PRO B 152 0.80 -0.98 39.36
C PRO B 152 2.29 -1.14 39.72
N GLY B 153 3.04 -0.02 39.71
CA GLY B 153 4.45 -0.01 40.12
C GLY B 153 5.40 -0.60 39.09
N ALA B 154 4.94 -0.92 37.87
CA ALA B 154 5.85 -1.12 36.71
C ALA B 154 6.53 0.22 36.44
N PRO B 155 7.80 0.22 36.02
CA PRO B 155 8.48 1.46 35.62
C PRO B 155 7.73 2.20 34.50
N ASN B 156 7.54 3.50 34.70
CA ASN B 156 6.91 4.40 33.69
C ASN B 156 7.56 4.16 32.32
N ALA B 157 6.74 3.97 31.27
CA ALA B 157 7.23 3.60 29.92
C ALA B 157 6.99 4.74 28.92
N ASN B 158 6.80 5.98 29.41
CA ASN B 158 6.65 7.17 28.54
C ASN B 158 8.03 7.58 28.03
N LEU B 159 8.17 7.66 26.70
CA LEU B 159 9.46 7.94 26.00
C LEU B 159 9.34 9.22 25.18
N LYS B 160 10.49 9.74 24.75
CA LYS B 160 10.59 10.88 23.81
C LYS B 160 11.82 10.66 22.93
N HIS B 161 11.90 11.46 21.86
CA HIS B 161 13.12 11.61 21.02
C HIS B 161 13.92 12.77 21.58
N ARG B 162 15.14 12.50 22.07
CA ARG B 162 16.01 13.53 22.69
C ARG B 162 16.66 14.36 21.58
N SER B 163 17.17 13.69 20.53
CA SER B 163 17.92 14.31 19.40
C SER B 163 17.48 13.68 18.06
N LEU B 164 17.61 14.46 17.00
CA LEU B 164 17.26 14.04 15.61
C LEU B 164 18.49 14.21 14.72
N LEU B 165 18.63 13.35 13.71
CA LEU B 165 19.52 13.56 12.54
C LEU B 165 18.62 13.54 11.30
N THR B 166 18.48 14.68 10.62
CA THR B 166 17.58 14.83 9.45
C THR B 166 18.38 14.78 8.14
N ASP B 167 19.72 14.93 8.19
CA ASP B 167 20.60 14.82 7.00
C ASP B 167 21.07 13.37 6.88
N ILE B 168 20.32 12.48 6.21
CA ILE B 168 20.56 11.00 6.33
C ILE B 168 20.83 10.33 4.99
N ASN B 169 20.97 11.10 3.91
CA ASN B 169 21.18 10.59 2.52
C ASN B 169 19.92 9.86 2.05
N MET B 170 18.76 10.52 2.17
CA MET B 170 17.52 10.05 1.49
C MET B 170 17.77 10.17 -0.01
N PRO B 171 17.28 9.23 -0.84
CA PRO B 171 17.39 9.37 -2.29
C PRO B 171 16.50 10.50 -2.82
N GLN B 172 16.87 11.09 -3.95
CA GLN B 172 16.01 12.02 -4.72
C GLN B 172 15.33 11.18 -5.81
N LEU B 173 14.02 10.91 -5.68
CA LEU B 173 13.29 9.98 -6.57
C LEU B 173 13.13 10.59 -7.96
N PRO B 174 13.26 9.77 -9.04
CA PRO B 174 12.96 10.28 -10.38
C PRO B 174 11.45 10.58 -10.56
N SER B 175 11.14 11.49 -11.47
CA SER B 175 9.78 11.81 -11.92
C SER B 175 9.24 10.68 -12.80
N LEU B 176 7.94 10.41 -12.70
CA LEU B 176 7.23 9.46 -13.61
C LEU B 176 7.17 10.10 -15.00
N THR B 177 7.42 9.30 -16.03
CA THR B 177 7.30 9.72 -17.45
C THR B 177 6.53 8.64 -18.21
N PRO B 178 5.74 9.04 -19.22
CA PRO B 178 4.95 8.10 -20.01
C PRO B 178 5.81 7.43 -21.10
N LEU B 179 5.43 6.23 -21.51
CA LEU B 179 6.09 5.50 -22.61
C LEU B 179 5.56 6.04 -23.94
N GLN B 180 6.41 6.68 -24.74
CA GLN B 180 6.04 7.22 -26.08
C GLN B 180 6.19 6.13 -27.13
N PRO B 181 5.37 6.18 -28.21
CA PRO B 181 5.58 5.28 -29.34
C PRO B 181 6.91 5.67 -30.01
N LEU B 182 7.55 4.70 -30.65
CA LEU B 182 8.81 4.91 -31.39
C LEU B 182 8.54 5.82 -32.58
N PRO B 183 9.54 6.62 -33.00
CA PRO B 183 9.41 7.44 -34.20
C PRO B 183 9.26 6.58 -35.47
N ARG B 184 8.78 7.19 -36.54
CA ARG B 184 8.68 6.55 -37.87
C ARG B 184 10.10 6.46 -38.43
N LEU B 185 10.37 5.49 -39.30
CA LEU B 185 11.68 5.33 -39.96
C LEU B 185 11.79 6.39 -41.07
N THR B 186 13.01 6.83 -41.38
CA THR B 186 13.26 7.99 -42.29
C THR B 186 13.78 7.55 -43.66
N GLU B 187 14.26 6.31 -43.80
CA GLU B 187 14.79 5.77 -45.08
C GLU B 187 15.09 4.26 -44.94
N LEU B 188 15.43 3.61 -46.06
CA LEU B 188 15.73 2.14 -46.11
C LEU B 188 16.88 1.81 -45.16
N GLU B 189 17.86 2.72 -45.01
CA GLU B 189 19.08 2.55 -44.17
C GLU B 189 18.73 2.65 -42.67
N ASP B 190 17.53 3.14 -42.31
CA ASP B 190 17.12 3.38 -40.90
C ASP B 190 16.59 2.07 -40.30
N GLY B 191 17.36 1.49 -39.37
CA GLY B 191 17.04 0.25 -38.63
C GLY B 191 16.21 0.52 -37.37
N GLY B 192 15.89 1.79 -37.12
CA GLY B 192 15.15 2.20 -35.91
C GLY B 192 16.08 2.24 -34.69
N LEU B 193 15.52 2.45 -33.51
CA LEU B 193 16.32 2.60 -32.26
C LEU B 193 16.67 1.21 -31.72
N SER B 194 17.95 0.95 -31.48
CA SER B 194 18.46 -0.26 -30.80
C SER B 194 18.07 -0.20 -29.33
N PRO B 195 18.08 -1.34 -28.60
CA PRO B 195 17.74 -1.36 -27.17
C PRO B 195 18.55 -0.39 -26.30
N ALA B 196 19.84 -0.17 -26.62
CA ALA B 196 20.74 0.75 -25.90
C ALA B 196 20.29 2.21 -26.10
N GLN B 197 19.65 2.52 -27.23
CA GLN B 197 19.27 3.90 -27.63
C GLN B 197 17.82 4.21 -27.26
N ALA B 198 16.97 3.19 -27.05
CA ALA B 198 15.53 3.41 -26.84
C ALA B 198 15.32 4.18 -25.54
N PRO B 199 14.49 5.26 -25.55
CA PRO B 199 14.21 6.00 -24.34
C PRO B 199 13.39 5.14 -23.36
N ARG B 200 13.68 5.31 -22.07
CA ARG B 200 12.96 4.60 -20.98
C ARG B 200 11.86 5.51 -20.45
N ALA B 201 10.68 4.94 -20.25
CA ALA B 201 9.62 5.52 -19.42
C ALA B 201 9.83 5.07 -17.98
N ILE B 202 9.65 5.97 -17.02
CA ILE B 202 9.65 5.62 -15.58
C ILE B 202 8.20 5.49 -15.15
N ILE B 203 7.74 4.24 -15.04
CA ILE B 203 6.33 3.87 -14.76
C ILE B 203 6.09 3.89 -13.25
N GLY B 204 7.11 3.54 -12.48
CA GLY B 204 7.04 3.56 -11.01
C GLY B 204 8.42 3.58 -10.38
N ARG B 205 8.45 3.92 -9.11
CA ARG B 205 9.68 3.79 -8.31
C ARG B 205 9.28 3.70 -6.84
N THR B 206 10.04 2.93 -6.10
CA THR B 206 9.79 2.72 -4.67
C THR B 206 11.12 2.75 -3.91
N LEU B 207 11.04 3.20 -2.67
CA LEU B 207 12.12 3.03 -1.67
C LEU B 207 12.15 1.57 -1.22
N ILE B 208 13.37 1.05 -1.02
CA ILE B 208 13.62 -0.31 -0.46
C ILE B 208 14.51 -0.11 0.77
N PRO B 209 14.09 -0.61 1.96
CA PRO B 209 14.97 -0.55 3.13
C PRO B 209 16.30 -1.26 2.84
N CYS B 210 17.41 -0.69 3.33
CA CYS B 210 18.78 -1.22 3.03
C CYS B 210 18.98 -2.57 3.72
N LEU B 211 18.13 -2.91 4.70
CA LEU B 211 18.35 -4.09 5.59
C LEU B 211 18.48 -5.37 4.77
N PHE B 212 17.66 -5.55 3.72
CA PHE B 212 17.66 -6.80 2.92
C PHE B 212 18.17 -6.56 1.49
N VAL B 213 18.89 -5.46 1.24
CA VAL B 213 19.58 -5.24 -0.06
C VAL B 213 20.99 -5.78 0.07
N ASN B 214 21.26 -6.92 -0.59
CA ASN B 214 22.59 -7.58 -0.57
CA ASN B 214 22.60 -7.56 -0.56
C ASN B 214 23.49 -6.87 -1.59
N ASP B 215 23.82 -5.60 -1.30
CA ASP B 215 24.73 -4.78 -2.14
C ASP B 215 26.06 -5.52 -2.20
N PRO B 216 26.59 -5.86 -3.40
CA PRO B 216 27.85 -6.60 -3.48
C PRO B 216 29.08 -5.83 -2.99
N VAL B 217 28.98 -4.52 -2.83
CA VAL B 217 30.13 -3.65 -2.44
C VAL B 217 29.99 -3.14 -0.99
N LEU B 218 28.77 -2.78 -0.58
CA LEU B 218 28.52 -2.12 0.72
C LEU B 218 27.97 -3.12 1.73
N ARG B 219 28.74 -3.36 2.78
CA ARG B 219 28.25 -4.13 3.95
C ARG B 219 27.19 -3.31 4.68
N LEU B 220 26.37 -3.98 5.49
CA LEU B 220 25.22 -3.40 6.22
C LEU B 220 25.63 -2.16 7.01
N GLU B 221 26.75 -2.20 7.75
CA GLU B 221 27.15 -1.08 8.64
CA GLU B 221 27.25 -1.08 8.62
C GLU B 221 27.41 0.20 7.80
N ASN B 222 27.71 0.05 6.51
CA ASN B 222 27.97 1.19 5.60
C ASN B 222 26.69 1.56 4.84
N ARG B 223 25.86 0.58 4.44
CA ARG B 223 24.56 0.86 3.77
C ARG B 223 23.68 1.74 4.68
N ILE B 224 23.59 1.41 5.98
CA ILE B 224 22.67 2.13 6.90
C ILE B 224 23.07 3.61 7.01
N LYS B 225 24.35 3.93 6.81
CA LYS B 225 24.89 5.32 6.88
C LYS B 225 24.71 6.04 5.53
N GLN B 226 25.04 5.38 4.42
CA GLN B 226 25.18 6.06 3.10
C GLN B 226 23.92 5.94 2.25
N SER B 227 23.12 4.90 2.46
CA SER B 227 21.97 4.53 1.58
C SER B 227 20.93 3.78 2.39
N PRO B 228 20.35 4.40 3.46
CA PRO B 228 19.38 3.72 4.31
C PRO B 228 18.15 3.20 3.55
N TYR B 229 17.85 3.87 2.42
CA TYR B 229 16.96 3.32 1.36
C TYR B 229 17.71 3.22 0.04
N TYR B 230 17.37 2.20 -0.72
CA TYR B 230 17.70 2.06 -2.16
C TYR B 230 16.44 2.43 -2.95
N VAL B 231 16.62 2.66 -4.25
CA VAL B 231 15.49 2.96 -5.20
C VAL B 231 15.38 1.82 -6.19
N LEU B 232 14.18 1.22 -6.24
CA LEU B 232 13.79 0.29 -7.33
C LEU B 232 12.89 1.04 -8.31
N GLU B 233 13.36 1.11 -9.56
CA GLU B 233 12.60 1.71 -10.67
C GLU B 233 11.93 0.60 -11.48
N HIS B 234 10.67 0.84 -11.86
CA HIS B 234 9.95 0.08 -12.92
C HIS B 234 9.98 0.96 -14.18
N ARG B 235 10.79 0.56 -15.16
CA ARG B 235 10.91 1.27 -16.46
C ARG B 235 10.34 0.38 -17.56
N GLN B 236 9.89 1.03 -18.65
CA GLN B 236 9.47 0.33 -19.88
C GLN B 236 10.15 1.00 -21.07
N TYR B 237 10.45 0.20 -22.09
CA TYR B 237 10.98 0.70 -23.38
C TYR B 237 10.54 -0.29 -24.46
N TRP B 238 10.64 0.16 -25.71
CA TRP B 238 10.39 -0.67 -26.91
C TRP B 238 11.72 -1.30 -27.37
N HIS B 239 11.79 -2.63 -27.30
CA HIS B 239 13.01 -3.43 -27.54
C HIS B 239 12.99 -4.04 -28.95
N ARG B 240 13.91 -3.60 -29.80
CA ARG B 240 14.04 -4.13 -31.19
C ARG B 240 14.59 -5.55 -31.15
N ILE B 241 13.84 -6.55 -31.68
CA ILE B 241 14.32 -7.95 -31.69
C ILE B 241 14.99 -8.26 -33.03
N TRP B 242 14.55 -7.64 -34.11
CA TRP B 242 15.28 -7.69 -35.40
C TRP B 242 14.87 -6.57 -36.34
N THR B 243 15.70 -6.34 -37.37
CA THR B 243 15.43 -5.41 -38.49
C THR B 243 16.21 -5.88 -39.72
N ASP B 244 15.60 -5.78 -40.89
CA ASP B 244 16.22 -6.18 -42.17
C ASP B 244 15.47 -5.49 -43.30
N ILE B 245 16.16 -5.27 -44.43
CA ILE B 245 15.52 -4.92 -45.73
C ILE B 245 15.07 -6.24 -46.38
N PHE B 246 13.81 -6.28 -46.80
CA PHE B 246 13.20 -7.42 -47.54
C PHE B 246 13.02 -7.00 -49.00
N THR B 247 13.39 -7.85 -49.95
CA THR B 247 13.00 -7.69 -51.37
C THR B 247 11.51 -8.08 -51.47
N ALA B 248 10.87 -7.68 -52.57
CA ALA B 248 9.46 -8.02 -52.87
C ALA B 248 9.28 -9.53 -52.74
N GLY B 249 8.31 -9.95 -51.91
CA GLY B 249 7.91 -11.37 -51.78
C GLY B 249 8.91 -12.22 -51.01
N GLU B 250 9.87 -11.60 -50.31
CA GLU B 250 10.96 -12.36 -49.66
C GLU B 250 10.43 -13.02 -48.38
N ARG B 251 10.89 -14.25 -48.14
CA ARG B 251 10.55 -15.03 -46.92
C ARG B 251 11.81 -15.17 -46.06
N ARG B 252 11.64 -14.97 -44.76
CA ARG B 252 12.77 -15.07 -43.80
C ARG B 252 12.29 -15.77 -42.54
N GLU B 253 13.25 -16.29 -41.78
CA GLU B 253 13.01 -17.01 -40.51
C GLU B 253 13.87 -16.34 -39.45
N TYR B 254 13.29 -16.07 -38.28
CA TYR B 254 13.99 -15.48 -37.12
C TYR B 254 13.73 -16.36 -35.89
N ARG B 255 14.75 -16.46 -35.04
CA ARG B 255 14.64 -17.04 -33.69
C ARG B 255 14.44 -15.86 -32.74
N GLU B 256 13.28 -15.80 -32.09
CA GLU B 256 12.92 -14.67 -31.18
C GLU B 256 13.01 -15.19 -29.75
N VAL B 257 13.97 -14.67 -28.97
CA VAL B 257 14.15 -15.06 -27.56
C VAL B 257 13.52 -13.98 -26.71
N THR B 258 12.51 -14.37 -25.92
CA THR B 258 11.77 -13.44 -25.04
C THR B 258 11.79 -13.96 -23.59
N GLY B 259 11.22 -13.14 -22.71
CA GLY B 259 11.15 -13.42 -21.26
C GLY B 259 12.38 -12.88 -20.55
N ILE B 260 12.82 -13.63 -19.54
CA ILE B 260 13.97 -13.24 -18.67
C ILE B 260 14.72 -14.52 -18.31
N ASN B 261 16.05 -14.43 -18.35
CA ASN B 261 16.99 -15.52 -18.07
C ASN B 261 16.91 -15.92 -16.58
N ASN B 262 17.04 -17.22 -16.31
CA ASN B 262 17.08 -17.81 -14.95
C ASN B 262 18.17 -17.12 -14.10
N ASN B 263 19.31 -16.79 -14.70
CA ASN B 263 20.47 -16.19 -13.96
C ASN B 263 20.10 -14.79 -13.48
N ALA B 264 19.36 -14.03 -14.29
CA ALA B 264 18.87 -12.68 -13.92
C ALA B 264 17.85 -12.76 -12.77
N GLN B 265 16.92 -13.73 -12.82
CA GLN B 265 15.96 -13.95 -11.71
C GLN B 265 16.70 -14.29 -10.40
N ASN B 266 17.69 -15.19 -10.47
CA ASN B 266 18.48 -15.58 -9.27
CA ASN B 266 18.49 -15.58 -9.27
C ASN B 266 19.22 -14.36 -8.69
N ASP B 267 19.76 -13.50 -9.56
CA ASP B 267 20.48 -12.27 -9.16
C ASP B 267 19.50 -11.33 -8.48
N MET B 268 18.30 -11.16 -9.04
CA MET B 268 17.26 -10.30 -8.45
C MET B 268 16.85 -10.85 -7.08
N ASN B 269 16.67 -12.17 -6.98
CA ASN B 269 16.27 -12.79 -5.68
C ASN B 269 17.36 -12.55 -4.62
N LYS B 270 18.62 -12.78 -4.99
CA LYS B 270 19.76 -12.59 -4.06
C LYS B 270 19.83 -11.12 -3.62
N MET B 271 19.66 -10.19 -4.55
N MET B 271 19.64 -10.18 -4.55
CA MET B 271 19.83 -8.73 -4.32
CA MET B 271 19.86 -8.73 -4.27
C MET B 271 18.73 -8.15 -3.42
C MET B 271 18.73 -8.14 -3.42
N ILE B 272 17.45 -8.40 -3.74
CA ILE B 272 16.30 -7.71 -3.06
C ILE B 272 15.18 -8.67 -2.64
N ASN B 273 15.32 -9.99 -2.83
CA ASN B 273 14.38 -11.00 -2.27
C ASN B 273 13.03 -10.86 -2.98
N ILE B 274 13.10 -10.50 -4.26
CA ILE B 274 11.95 -10.37 -5.20
C ILE B 274 12.32 -11.06 -6.52
N THR B 275 11.34 -11.76 -7.11
CA THR B 275 11.44 -12.29 -8.50
C THR B 275 10.19 -11.90 -9.28
N ILE B 276 10.28 -12.06 -10.60
CA ILE B 276 9.14 -11.83 -11.54
C ILE B 276 8.42 -13.17 -11.70
N GLY B 277 7.14 -13.23 -11.31
CA GLY B 277 6.32 -14.43 -11.46
C GLY B 277 5.96 -14.69 -12.91
N ALA B 278 5.68 -15.96 -13.25
CA ALA B 278 5.41 -16.38 -14.65
C ALA B 278 4.09 -15.78 -15.18
N ASP B 279 3.24 -15.24 -14.28
CA ASP B 279 1.88 -14.77 -14.68
C ASP B 279 1.96 -13.39 -15.34
N GLY B 280 3.10 -12.70 -15.29
CA GLY B 280 3.27 -11.49 -16.13
C GLY B 280 4.55 -10.73 -15.83
N PRO B 281 4.94 -9.84 -16.77
CA PRO B 281 6.23 -9.15 -16.69
C PRO B 281 6.29 -8.09 -15.58
N ASN B 282 5.12 -7.74 -15.03
CA ASN B 282 4.95 -6.73 -13.95
C ASN B 282 4.40 -7.39 -12.67
N ARG B 283 4.55 -8.72 -12.53
CA ARG B 283 3.97 -9.50 -11.41
C ARG B 283 5.12 -9.95 -10.49
N LEU B 284 5.09 -9.45 -9.24
CA LEU B 284 6.20 -9.65 -8.28
C LEU B 284 5.86 -10.76 -7.29
N ARG B 285 6.86 -11.61 -7.06
CA ARG B 285 6.90 -12.64 -6.01
C ARG B 285 7.84 -12.15 -4.91
N PHE B 286 7.39 -12.27 -3.66
CA PHE B 286 8.14 -11.75 -2.49
C PHE B 286 8.59 -12.94 -1.65
N GLY B 287 9.84 -12.89 -1.20
CA GLY B 287 10.35 -13.82 -0.19
C GLY B 287 10.07 -13.33 1.23
N ASN B 288 10.66 -14.03 2.21
CA ASN B 288 10.46 -13.77 3.66
C ASN B 288 10.96 -12.36 4.04
N LEU B 289 12.01 -11.85 3.38
CA LEU B 289 12.63 -10.54 3.80
C LEU B 289 11.79 -9.36 3.31
N SER B 290 11.24 -9.44 2.09
CA SER B 290 10.58 -8.29 1.41
C SER B 290 9.08 -8.28 1.71
N THR B 291 8.50 -9.44 2.08
CA THR B 291 7.04 -9.63 2.30
C THR B 291 6.42 -8.56 3.20
N PRO B 292 7.06 -8.14 4.32
CA PRO B 292 6.43 -7.19 5.25
C PRO B 292 6.17 -5.78 4.66
N PHE B 293 6.81 -5.48 3.51
CA PHE B 293 6.72 -4.20 2.77
C PHE B 293 6.01 -4.35 1.41
N ARG B 294 5.43 -5.52 1.12
N ARG B 294 5.42 -5.52 1.12
CA ARG B 294 5.01 -5.87 -0.28
CA ARG B 294 4.96 -5.91 -0.24
C ARG B 294 3.98 -4.87 -0.83
C ARG B 294 3.99 -4.86 -0.81
N GLN B 295 2.98 -4.44 -0.04
CA GLN B 295 1.89 -3.57 -0.56
C GLN B 295 2.45 -2.18 -0.90
N GLN B 296 3.35 -1.63 -0.08
CA GLN B 296 4.04 -0.34 -0.38
C GLN B 296 4.85 -0.49 -1.67
N ILE B 297 5.58 -1.59 -1.83
CA ILE B 297 6.46 -1.83 -3.01
C ILE B 297 5.58 -1.89 -4.27
N ILE B 298 4.49 -2.67 -4.23
CA ILE B 298 3.50 -2.80 -5.35
C ILE B 298 2.90 -1.45 -5.70
N ASP B 299 2.37 -0.74 -4.69
CA ASP B 299 1.62 0.55 -4.87
C ASP B 299 2.60 1.55 -5.53
N ASN B 300 3.83 1.68 -5.03
CA ASN B 300 4.77 2.75 -5.46
C ASN B 300 5.46 2.38 -6.77
N SER B 301 5.78 1.09 -7.00
CA SER B 301 6.43 0.63 -8.25
C SER B 301 5.40 0.49 -9.39
N ASN B 302 4.09 0.58 -9.10
CA ASN B 302 2.99 0.34 -10.10
C ASN B 302 3.19 -1.01 -10.80
N THR B 303 3.38 -2.04 -9.98
CA THR B 303 3.37 -3.48 -10.38
C THR B 303 2.17 -4.13 -9.72
N LEU B 304 2.05 -5.45 -9.85
CA LEU B 304 0.98 -6.25 -9.22
C LEU B 304 1.62 -7.43 -8.49
N GLY B 305 0.91 -7.96 -7.51
CA GLY B 305 1.29 -9.22 -6.86
C GLY B 305 1.12 -10.37 -7.83
N SER B 306 2.11 -11.25 -7.89
CA SER B 306 2.09 -12.55 -8.62
C SER B 306 1.30 -13.58 -7.82
N PHE B 307 0.52 -14.42 -8.50
CA PHE B 307 -0.18 -15.60 -7.92
C PHE B 307 0.48 -16.92 -8.34
N ALA B 308 1.58 -16.84 -9.10
CA ALA B 308 2.25 -18.04 -9.67
C ALA B 308 3.24 -18.63 -8.64
N ASN B 309 3.45 -19.95 -8.75
N ASN B 309 3.49 -19.94 -8.68
CA ASN B 309 4.45 -20.72 -7.96
CA ASN B 309 4.57 -20.54 -7.84
C ASN B 309 5.72 -20.94 -8.78
C ASN B 309 5.79 -20.85 -8.73
N THR B 310 5.81 -20.28 -9.94
CA THR B 310 6.90 -20.42 -10.93
C THR B 310 7.38 -19.00 -11.31
N ASN B 311 8.68 -18.85 -11.51
CA ASN B 311 9.28 -17.58 -12.02
C ASN B 311 9.16 -17.52 -13.54
N TYR B 312 8.97 -16.31 -14.04
CA TYR B 312 9.07 -16.00 -15.49
C TYR B 312 10.42 -16.52 -15.98
N GLY B 313 10.40 -17.23 -17.10
CA GLY B 313 11.60 -17.76 -17.75
C GLY B 313 11.77 -17.26 -19.16
N THR B 314 12.62 -17.94 -19.94
CA THR B 314 12.87 -17.61 -21.35
CA THR B 314 12.88 -17.60 -21.36
C THR B 314 12.04 -18.53 -22.24
N ARG B 315 11.76 -18.05 -23.44
CA ARG B 315 11.13 -18.83 -24.51
C ARG B 315 11.74 -18.39 -25.84
N THR B 316 11.98 -19.37 -26.71
CA THR B 316 12.52 -19.20 -28.07
C THR B 316 11.43 -19.62 -29.05
N ASP B 317 10.95 -18.67 -29.84
CA ASP B 317 9.95 -18.89 -30.92
C ASP B 317 10.67 -18.82 -32.28
N ILE B 318 10.33 -19.72 -33.21
CA ILE B 318 10.77 -19.64 -34.62
C ILE B 318 9.64 -18.92 -35.36
N VAL B 319 9.92 -17.76 -35.96
CA VAL B 319 8.87 -17.01 -36.70
C VAL B 319 9.24 -16.96 -38.17
N ASN B 320 8.28 -17.31 -39.02
CA ASN B 320 8.41 -17.21 -40.48
C ASN B 320 7.61 -15.98 -40.92
N VAL B 321 8.29 -15.04 -41.59
CA VAL B 321 7.66 -13.78 -42.06
C VAL B 321 7.83 -13.68 -43.57
N PHE B 322 6.87 -13.02 -44.19
CA PHE B 322 6.74 -12.93 -45.66
C PHE B 322 6.46 -11.47 -45.99
N ASN B 323 7.30 -10.88 -46.83
CA ASN B 323 7.03 -9.52 -47.38
C ASN B 323 5.96 -9.63 -48.48
N SER B 324 4.70 -9.46 -48.09
CA SER B 324 3.50 -9.50 -48.97
C SER B 324 3.32 -8.19 -49.76
N GLU B 325 4.29 -7.28 -49.73
CA GLU B 325 4.32 -6.08 -50.60
C GLU B 325 5.21 -6.37 -51.81
N PHE B 326 4.90 -5.75 -52.96
CA PHE B 326 5.71 -5.87 -54.20
C PHE B 326 6.79 -4.79 -54.24
N HIS B 327 7.17 -4.26 -53.06
CA HIS B 327 8.24 -3.24 -52.88
C HIS B 327 9.36 -3.84 -52.03
N GLN B 328 10.58 -3.31 -52.21
CA GLN B 328 11.69 -3.45 -51.23
C GLN B 328 11.26 -2.67 -49.98
N VAL B 329 11.29 -3.30 -48.79
CA VAL B 329 10.80 -2.67 -47.53
C VAL B 329 11.78 -2.97 -46.38
N ARG B 330 12.10 -1.93 -45.61
CA ARG B 330 12.76 -2.00 -44.29
C ARG B 330 11.69 -2.34 -43.25
N TYR B 331 11.86 -3.47 -42.54
CA TYR B 331 11.02 -3.88 -41.39
C TYR B 331 11.87 -3.84 -40.12
N ALA B 332 11.33 -3.25 -39.05
CA ALA B 332 11.91 -3.28 -37.69
C ALA B 332 10.83 -3.73 -36.70
N ARG B 333 11.11 -4.79 -35.95
CA ARG B 333 10.13 -5.45 -35.07
C ARG B 333 10.57 -5.27 -33.61
N PHE B 334 9.62 -4.86 -32.78
CA PHE B 334 9.84 -4.49 -31.36
C PHE B 334 8.85 -5.25 -30.48
N VAL B 335 9.31 -5.63 -29.29
CA VAL B 335 8.42 -6.09 -28.19
C VAL B 335 8.59 -5.13 -27.02
N LYS B 336 7.57 -5.10 -26.15
CA LYS B 336 7.64 -4.26 -24.95
C LYS B 336 8.60 -4.90 -23.94
N ALA B 337 9.51 -4.08 -23.39
CA ALA B 337 10.45 -4.53 -22.34
C ALA B 337 10.09 -3.85 -21.03
N TYR B 338 10.17 -4.64 -19.95
CA TYR B 338 10.04 -4.19 -18.55
C TYR B 338 11.43 -4.25 -17.94
N GLU B 339 11.94 -3.09 -17.49
CA GLU B 339 13.34 -2.96 -16.99
C GLU B 339 13.31 -2.49 -15.53
N TYR B 340 13.85 -3.32 -14.64
CA TYR B 340 13.87 -3.08 -13.18
C TYR B 340 15.31 -2.72 -12.83
N ARG B 341 15.48 -1.55 -12.24
CA ARG B 341 16.81 -0.95 -11.99
C ARG B 341 16.91 -0.59 -10.51
N LEU B 342 18.02 -0.97 -9.86
CA LEU B 342 18.25 -0.68 -8.43
C LEU B 342 19.41 0.30 -8.32
N THR B 343 19.17 1.41 -7.60
CA THR B 343 20.19 2.45 -7.35
C THR B 343 20.32 2.68 -5.86
N ARG B 344 21.52 3.11 -5.48
CA ARG B 344 21.82 3.63 -4.13
C ARG B 344 21.26 5.06 -4.02
N ALA B 345 21.30 5.61 -2.81
CA ALA B 345 20.90 7.00 -2.51
C ALA B 345 21.70 8.01 -3.33
N ASP B 346 22.95 7.71 -3.68
CA ASP B 346 23.78 8.64 -4.49
C ASP B 346 23.44 8.53 -5.98
N GLY B 347 22.52 7.65 -6.37
CA GLY B 347 22.13 7.49 -7.78
C GLY B 347 22.96 6.44 -8.52
N SER B 348 23.95 5.83 -7.88
CA SER B 348 24.84 4.81 -8.52
C SER B 348 24.06 3.49 -8.68
N GLN B 349 24.26 2.82 -9.81
CA GLN B 349 23.59 1.55 -10.14
C GLN B 349 24.24 0.40 -9.34
N VAL B 350 23.45 -0.49 -8.75
CA VAL B 350 24.00 -1.62 -7.94
C VAL B 350 24.41 -2.78 -8.85
N GLY B 351 23.67 -3.01 -9.94
CA GLY B 351 24.02 -4.07 -10.90
C GLY B 351 23.44 -3.77 -12.25
N THR B 352 23.57 -4.68 -13.20
CA THR B 352 22.88 -4.52 -14.50
C THR B 352 21.38 -4.70 -14.25
N PRO B 353 20.53 -3.88 -14.90
CA PRO B 353 19.09 -3.97 -14.71
C PRO B 353 18.59 -5.37 -15.13
N TRP B 354 17.47 -5.76 -14.54
CA TRP B 354 16.74 -7.01 -14.85
C TRP B 354 15.68 -6.67 -15.89
N VAL B 355 15.69 -7.37 -17.03
CA VAL B 355 14.80 -7.03 -18.18
C VAL B 355 13.92 -8.24 -18.52
N VAL B 356 12.61 -8.00 -18.58
CA VAL B 356 11.64 -8.98 -19.14
C VAL B 356 11.18 -8.48 -20.51
N LEU B 357 11.45 -9.28 -21.56
CA LEU B 357 10.87 -9.01 -22.90
C LEU B 357 9.50 -9.69 -22.96
N ASP B 358 8.44 -8.90 -23.16
CA ASP B 358 7.05 -9.39 -23.23
C ASP B 358 6.71 -9.71 -24.70
N ARG B 359 6.70 -11.00 -25.04
CA ARG B 359 6.33 -11.45 -26.42
C ARG B 359 4.87 -11.09 -26.76
N LYS B 360 4.05 -10.75 -25.76
CA LYS B 360 2.57 -10.57 -25.94
C LYS B 360 2.20 -9.15 -26.38
N GLU B 361 3.17 -8.23 -26.43
CA GLU B 361 2.92 -6.84 -26.84
C GLU B 361 3.98 -6.43 -27.85
N MET B 362 3.57 -6.18 -29.09
CA MET B 362 4.53 -6.02 -30.21
C MET B 362 4.11 -4.91 -31.18
N ASP B 363 5.14 -4.22 -31.68
CA ASP B 363 4.99 -3.08 -32.62
C ASP B 363 5.92 -3.30 -33.81
N LEU B 364 5.67 -2.54 -34.88
CA LEU B 364 6.38 -2.67 -36.16
C LEU B 364 6.62 -1.27 -36.68
N ARG B 365 7.81 -1.05 -37.24
CA ARG B 365 8.13 0.16 -38.04
C ARG B 365 8.58 -0.26 -39.42
N THR B 366 8.14 0.46 -40.45
CA THR B 366 8.49 0.16 -41.86
C THR B 366 9.01 1.42 -42.57
N TYR B 367 9.85 1.19 -43.58
CA TYR B 367 10.14 2.17 -44.65
C TYR B 367 10.12 1.47 -46.00
N PRO B 368 9.30 1.93 -46.97
CA PRO B 368 8.37 3.05 -46.76
C PRO B 368 7.30 2.86 -45.67
N HIS B 369 6.63 3.95 -45.33
CA HIS B 369 5.58 3.99 -44.27
C HIS B 369 4.34 3.19 -44.71
N ASN B 370 3.60 2.66 -43.74
CA ASN B 370 2.26 2.05 -43.89
C ASN B 370 2.38 0.74 -44.67
N MET B 371 3.52 0.05 -44.59
CA MET B 371 3.69 -1.30 -45.18
C MET B 371 3.27 -2.34 -44.14
N ALA B 372 2.94 -3.55 -44.61
CA ALA B 372 2.54 -4.68 -43.74
C ALA B 372 3.31 -5.94 -44.13
N ILE B 373 3.85 -6.63 -43.12
CA ILE B 373 4.51 -7.95 -43.28
C ILE B 373 3.52 -9.03 -42.85
N THR B 374 3.59 -10.21 -43.46
CA THR B 374 2.77 -11.38 -43.04
C THR B 374 3.58 -12.28 -42.11
N LEU B 375 3.05 -12.51 -40.90
CA LEU B 375 3.52 -13.58 -39.98
C LEU B 375 2.90 -14.89 -40.47
N GLU B 376 3.64 -15.68 -41.24
CA GLU B 376 3.16 -16.95 -41.85
C GLU B 376 2.90 -17.98 -40.77
N ASN B 377 3.82 -18.10 -39.82
CA ASN B 377 3.88 -19.27 -38.91
C ASN B 377 4.76 -18.94 -37.70
N VAL B 378 4.35 -19.48 -36.55
CA VAL B 378 5.10 -19.40 -35.25
C VAL B 378 5.16 -20.83 -34.70
N LYS B 379 6.33 -21.22 -34.20
CA LYS B 379 6.55 -22.53 -33.53
C LYS B 379 7.41 -22.26 -32.30
N ILE B 380 7.08 -22.91 -31.18
CA ILE B 380 7.95 -22.85 -29.97
C ILE B 380 9.12 -23.79 -30.20
N ASP B 381 10.34 -23.27 -30.13
CA ASP B 381 11.58 -24.11 -30.20
C ASP B 381 11.84 -24.69 -28.82
N ASN B 382 11.82 -23.84 -27.79
CA ASN B 382 11.92 -24.32 -26.40
C ASN B 382 11.44 -23.26 -25.42
N ALA B 383 11.04 -23.72 -24.24
CA ALA B 383 10.66 -22.83 -23.13
C ALA B 383 11.16 -23.42 -21.82
N ASP B 384 11.45 -22.54 -20.86
CA ASP B 384 12.01 -22.95 -19.54
C ASP B 384 10.92 -23.61 -18.70
N ASN B 385 9.64 -23.28 -18.94
CA ASN B 385 8.51 -23.86 -18.16
C ASN B 385 7.27 -23.95 -19.05
N SER B 386 6.22 -24.59 -18.54
CA SER B 386 4.97 -24.86 -19.28
C SER B 386 3.86 -23.89 -18.83
N TYR B 387 4.20 -22.76 -18.21
CA TYR B 387 3.18 -21.88 -17.57
C TYR B 387 2.30 -21.25 -18.69
N ASP B 388 2.92 -20.77 -19.76
CA ASP B 388 2.22 -20.03 -20.85
CA ASP B 388 2.28 -19.99 -20.85
C ASP B 388 2.75 -20.57 -22.19
N LEU B 389 1.97 -21.44 -22.81
CA LEU B 389 2.37 -22.07 -24.09
C LEU B 389 1.41 -21.64 -25.21
N SER B 390 0.91 -20.41 -25.15
CA SER B 390 0.11 -19.81 -26.24
C SER B 390 1.05 -19.32 -27.36
N ILE B 391 0.58 -19.40 -28.60
CA ILE B 391 1.26 -18.85 -29.81
C ILE B 391 0.23 -18.01 -30.59
N TRP B 392 0.74 -17.13 -31.44
CA TRP B 392 -0.10 -16.35 -32.40
C TRP B 392 -0.86 -17.29 -33.32
N LYS B 393 -2.15 -16.99 -33.53
CA LYS B 393 -2.91 -17.57 -34.67
C LYS B 393 -2.37 -16.96 -35.95
N THR B 394 -1.94 -17.79 -36.88
CA THR B 394 -1.36 -17.35 -38.17
C THR B 394 -2.25 -17.88 -39.29
N PRO B 395 -2.25 -17.26 -40.49
CA PRO B 395 -1.43 -16.07 -40.77
C PRO B 395 -1.96 -14.80 -40.09
N LEU B 396 -1.05 -13.89 -39.77
CA LEU B 396 -1.35 -12.61 -39.09
C LEU B 396 -0.62 -11.47 -39.85
N LYS B 397 -1.34 -10.41 -40.17
CA LYS B 397 -0.77 -9.21 -40.84
C LYS B 397 -0.26 -8.23 -39.78
N LEU B 398 1.03 -7.91 -39.81
CA LEU B 398 1.63 -6.88 -38.92
C LEU B 398 1.82 -5.60 -39.74
N LYS B 399 1.19 -4.52 -39.28
CA LYS B 399 1.07 -3.24 -39.98
C LYS B 399 1.97 -2.22 -39.26
N ASP B 400 2.65 -1.36 -40.05
CA ASP B 400 3.42 -0.19 -39.57
C ASP B 400 2.56 0.55 -38.54
N GLY B 401 3.08 0.70 -37.32
CA GLY B 401 2.53 1.61 -36.30
C GLY B 401 1.42 0.99 -35.47
N LYS B 402 1.03 -0.27 -35.74
CA LYS B 402 -0.10 -0.90 -35.03
C LYS B 402 0.44 -1.84 -33.94
N ILE B 403 0.18 -1.49 -32.67
CA ILE B 403 0.51 -2.35 -31.50
C ILE B 403 -0.51 -3.49 -31.46
N ILE B 404 0.00 -4.72 -31.39
CA ILE B 404 -0.84 -5.94 -31.20
C ILE B 404 -0.54 -6.51 -29.80
N ILE B 405 -1.62 -6.73 -29.06
CA ILE B 405 -1.60 -7.38 -27.72
C ILE B 405 -2.33 -8.73 -27.82
N GLU B 406 -1.76 -9.76 -27.21
CA GLU B 406 -2.35 -11.12 -27.18
C GLU B 406 -3.73 -11.03 -26.51
N ASN B 407 -4.71 -11.70 -27.09
CA ASN B 407 -6.06 -11.91 -26.52
C ASN B 407 -6.57 -13.29 -26.94
N HIS B 408 -7.81 -13.62 -26.54
CA HIS B 408 -8.50 -14.92 -26.82
C HIS B 408 -8.68 -15.11 -28.33
N GLU B 409 -8.79 -14.03 -29.11
CA GLU B 409 -9.14 -14.12 -30.56
C GLU B 409 -7.90 -14.38 -31.43
N ASN B 410 -6.71 -13.88 -31.03
CA ASN B 410 -5.51 -13.87 -31.92
C ASN B 410 -4.45 -14.86 -31.45
N SER B 411 -4.76 -15.74 -30.48
CA SER B 411 -3.80 -16.73 -29.95
C SER B 411 -4.47 -18.09 -29.72
N LYS B 412 -3.65 -19.12 -29.50
CA LYS B 412 -4.10 -20.52 -29.29
C LYS B 412 -3.00 -21.33 -28.63
N PRO B 413 -3.33 -22.49 -28.02
CA PRO B 413 -2.31 -23.41 -27.49
C PRO B 413 -1.46 -23.89 -28.66
N TYR B 414 -0.16 -24.14 -28.41
CA TYR B 414 0.83 -24.53 -29.45
C TYR B 414 0.44 -25.86 -30.11
N TYR B 415 -0.30 -26.75 -29.44
CA TYR B 415 -0.60 -28.13 -29.94
C TYR B 415 -1.86 -28.18 -30.82
N ASN B 416 -2.64 -27.08 -30.87
CA ASN B 416 -3.84 -26.94 -31.74
C ASN B 416 -3.43 -26.35 -33.09
#